data_7P01
#
_entry.id   7P01
#
_cell.length_a   68.030
_cell.length_b   78.080
_cell.length_c   121.930
_cell.angle_alpha   90.000
_cell.angle_beta   94.096
_cell.angle_gamma   90.000
#
_symmetry.space_group_name_H-M   'P 1 21 1'
#
loop_
_entity.id
_entity.type
_entity.pdbx_description
1 polymer BaAG2
2 branched 4,6-dideoxy-4-{[(1S,4R,5S,6S)-4,5,6-trihydroxy-3-(hydroxymethyl)cyclohex-2-en-1-yl]amino}-alpha-D-glucopyranose-(1-4)-alpha-D-glucopyranose-(1-4)-alpha-D-glucopyranose
3 non-polymer 1-methylpyrrolidin-2-one
4 non-polymer 'CALCIUM ION'
5 water water
#
_entity_poly.entity_id   1
_entity_poly.type   'polypeptide(L)'
_entity_poly.pdbx_seq_one_letter_code
;MVLGFFKKEQERNTAWWREGTVYQVYPSSFKDSNGDGIGDIPGIISKLDYIKSVGTDIVWLSPHYKSPQVDMGYDISDYK
AIHEPYGTFDDCIKLIQECHDRGLKIIFDLVVNHTSDQHEWFKQSRSSKSNAKRDWYIWKPAKYDEQGNRIPPNNWESYF
GGSAWEWDEETQEYYLHLFAKEQPDINWRNLQAREAIYKDAILFWLDRGIDGFRIDTVQIYSKPEDFPDAPERVPGQKLQ
NPSIIVETGPQLHEILQEMNRKAFSKYDIMTVGEGSPPSLEKTLEYVSSSRHEIDMLFSFDFGALDHREIAHTLNDIDMV
EMKETVYRWQRLVGKTDGWTTFFLENHDSGRSISRFASDATPEARNRSTKFLAVLQATMSGTLYLYQGQEIGIPNLPDEV
PIEEYKDVNSINYYNAVKEDTKNDPDALKKAKKYLQKVARDHARSPMQWDASKHSGFTDGEPWMIVNPIYPEVNVAAQEW
DADSGLNFWRHILKFRRQHKDVMVYGTLEVLDKENTKVFTFTKASESGRTFLVALNFTDKAVDYDVDQFASKSTLLLSSI
GNVHHKSGSLQPLEAVIFEIHHHHH
;
_entity_poly.pdbx_strand_id   A,B
#
# COMPACT_ATOMS: atom_id res chain seq x y z
N GLN A 10 5.90 21.62 26.53
CA GLN A 10 7.21 21.18 25.98
C GLN A 10 7.70 22.11 24.86
N GLU A 11 8.27 23.26 25.18
CA GLU A 11 8.91 24.15 24.18
C GLU A 11 10.37 23.76 24.18
N ARG A 12 10.97 23.37 23.05
CA ARG A 12 12.36 22.87 23.02
C ARG A 12 13.25 23.64 22.06
N ASN A 13 14.55 23.45 22.19
CA ASN A 13 15.58 23.90 21.25
C ASN A 13 15.59 22.83 20.16
N THR A 14 14.96 23.06 19.01
CA THR A 14 14.91 22.03 17.94
C THR A 14 15.70 22.40 16.69
N ALA A 15 16.02 23.66 16.48
CA ALA A 15 16.71 24.11 15.28
C ALA A 15 18.07 23.44 15.13
N TRP A 16 18.78 23.21 16.23
CA TRP A 16 20.15 22.62 16.16
C TRP A 16 20.11 21.24 15.49
N TRP A 17 19.10 20.42 15.74
CA TRP A 17 19.01 19.07 15.13
C TRP A 17 18.30 19.10 13.77
N ARG A 18 17.47 20.10 13.50
CA ARG A 18 16.79 20.24 12.18
C ARG A 18 17.82 20.70 11.13
N GLU A 19 18.69 21.63 11.47
CA GLU A 19 19.68 22.26 10.57
C GLU A 19 21.05 21.58 10.67
N GLY A 20 21.28 20.77 11.68
CA GLY A 20 22.60 20.19 11.90
C GLY A 20 23.00 19.17 10.85
N THR A 21 24.29 19.06 10.55
CA THR A 21 24.84 18.03 9.68
C THR A 21 25.34 16.91 10.60
N VAL A 22 24.88 15.67 10.43
CA VAL A 22 25.33 14.53 11.28
C VAL A 22 26.46 13.79 10.54
N TYR A 23 27.56 13.48 11.22
CA TYR A 23 28.65 12.66 10.68
C TYR A 23 28.74 11.38 11.50
N GLN A 24 28.53 10.23 10.86
CA GLN A 24 28.49 8.96 11.55
C GLN A 24 29.90 8.36 11.60
N VAL A 25 30.38 8.00 12.78
CA VAL A 25 31.68 7.37 12.98
C VAL A 25 31.46 5.91 13.35
N TYR A 26 32.13 5.01 12.64
CA TYR A 26 32.14 3.57 12.87
C TYR A 26 33.46 3.29 13.59
N PRO A 27 33.45 3.13 14.91
CA PRO A 27 34.70 3.22 15.68
C PRO A 27 35.77 2.21 15.27
N SER A 28 35.41 0.97 14.99
CA SER A 28 36.40 -0.05 14.60
C SER A 28 37.13 0.36 13.31
N SER A 29 36.62 1.26 12.50
CA SER A 29 37.18 1.53 11.16
C SER A 29 37.58 2.98 10.93
N PHE A 30 37.48 3.86 11.90
CA PHE A 30 37.79 5.27 11.65
C PHE A 30 39.27 5.60 11.84
N LYS A 31 39.84 5.38 13.01
CA LYS A 31 41.23 5.73 13.27
C LYS A 31 41.84 4.88 14.39
N ASP A 32 42.89 4.13 14.09
CA ASP A 32 43.65 3.35 15.06
C ASP A 32 44.81 4.19 15.57
N SER A 33 44.85 4.42 16.87
CA SER A 33 45.81 5.22 17.62
C SER A 33 47.00 4.39 18.15
N ASN A 34 46.92 3.05 18.12
CA ASN A 34 47.92 2.26 18.84
C ASN A 34 48.35 0.93 18.17
N GLY A 35 48.30 0.84 16.85
CA GLY A 35 48.82 -0.24 16.01
C GLY A 35 48.24 -1.63 16.17
N ASP A 36 47.11 -1.84 16.85
CA ASP A 36 46.52 -3.19 16.98
C ASP A 36 45.59 -3.47 15.79
N GLY A 37 45.36 -2.52 14.89
CA GLY A 37 44.54 -2.67 13.69
C GLY A 37 43.08 -2.40 13.96
N ILE A 38 42.69 -2.04 15.17
CA ILE A 38 41.28 -1.82 15.47
C ILE A 38 41.17 -0.34 15.72
N GLY A 39 40.20 0.41 15.14
CA GLY A 39 39.96 1.81 15.44
C GLY A 39 39.61 2.01 16.90
N ASP A 40 39.88 3.22 17.41
CA ASP A 40 39.67 3.45 18.83
C ASP A 40 39.34 4.92 19.11
N ILE A 41 38.98 5.16 20.36
CA ILE A 41 38.41 6.45 20.75
C ILE A 41 39.48 7.53 20.76
N PRO A 42 40.69 7.28 21.28
CA PRO A 42 41.76 8.27 21.12
C PRO A 42 42.01 8.63 19.67
N GLY A 43 41.92 7.63 18.78
CA GLY A 43 41.98 7.93 17.36
C GLY A 43 40.87 8.86 16.92
N ILE A 44 39.64 8.57 17.35
CA ILE A 44 38.54 9.44 16.98
C ILE A 44 38.82 10.86 17.46
N ILE A 45 39.26 11.01 18.71
CA ILE A 45 39.57 12.31 19.38
C ILE A 45 40.60 13.05 18.57
N SER A 46 41.55 12.33 17.98
CA SER A 46 42.59 12.94 17.18
C SER A 46 42.08 13.40 15.82
N LYS A 47 40.89 13.07 15.41
CA LYS A 47 40.33 13.43 14.09
C LYS A 47 39.06 14.28 14.24
N LEU A 48 38.74 14.77 15.42
CA LEU A 48 37.54 15.61 15.62
C LEU A 48 37.74 16.95 14.89
N ASP A 49 38.93 17.48 14.87
CA ASP A 49 39.23 18.72 14.12
C ASP A 49 38.84 18.45 12.66
N TYR A 50 39.23 17.31 12.12
CA TYR A 50 38.92 16.96 10.72
C TYR A 50 37.40 16.86 10.56
N ILE A 51 36.73 16.18 11.47
CA ILE A 51 35.28 16.01 11.35
C ILE A 51 34.58 17.36 11.34
N LYS A 52 35.00 18.25 12.22
CA LYS A 52 34.45 19.63 12.29
C LYS A 52 34.69 20.33 10.95
N SER A 53 35.87 20.18 10.36
CA SER A 53 36.32 20.84 9.10
C SER A 53 35.46 20.44 7.89
N VAL A 54 34.77 19.31 7.95
CA VAL A 54 33.84 18.85 6.89
C VAL A 54 32.59 19.74 6.89
N GLY A 55 32.19 20.32 8.02
CA GLY A 55 30.94 21.04 8.22
C GLY A 55 30.04 20.34 9.22
N THR A 56 30.51 19.28 9.87
CA THR A 56 29.72 18.57 10.85
C THR A 56 29.28 19.42 12.04
N ASP A 57 28.03 19.29 12.47
CA ASP A 57 27.54 19.84 13.74
C ASP A 57 27.37 18.71 14.77
N ILE A 58 27.05 17.49 14.35
CA ILE A 58 26.71 16.39 15.30
C ILE A 58 27.44 15.09 14.93
N VAL A 59 28.07 14.43 15.89
CA VAL A 59 28.71 13.14 15.68
C VAL A 59 27.76 12.03 16.10
N TRP A 60 27.45 11.05 15.23
CA TRP A 60 26.70 9.82 15.59
C TRP A 60 27.77 8.73 15.79
N LEU A 61 28.02 8.28 17.01
CA LEU A 61 28.97 7.22 17.32
C LEU A 61 28.26 5.87 17.25
N SER A 62 28.74 4.99 16.39
CA SER A 62 28.19 3.65 16.35
C SER A 62 28.56 2.90 17.62
N PRO A 63 27.92 1.76 17.88
CA PRO A 63 28.07 1.11 19.21
C PRO A 63 29.52 0.87 19.61
N HIS A 64 29.83 1.25 20.85
CA HIS A 64 31.17 1.22 21.42
C HIS A 64 31.17 0.58 22.79
N TYR A 65 30.04 0.02 23.22
CA TYR A 65 29.86 -0.62 24.51
C TYR A 65 30.49 -2.02 24.56
N LYS A 66 30.68 -2.52 25.77
CA LYS A 66 31.17 -3.89 25.93
C LYS A 66 30.29 -4.86 25.15
N SER A 67 30.94 -5.72 24.34
CA SER A 67 30.26 -6.51 23.32
C SER A 67 31.20 -7.58 22.76
N PRO A 68 30.74 -8.82 22.57
CA PRO A 68 31.61 -9.82 21.95
C PRO A 68 31.81 -9.58 20.48
N GLN A 69 31.15 -8.64 19.85
CA GLN A 69 31.32 -8.17 18.45
C GLN A 69 30.83 -9.25 17.48
N VAL A 70 29.87 -10.08 17.87
CA VAL A 70 29.26 -11.04 16.90
C VAL A 70 28.67 -10.19 15.76
N ASP A 71 28.04 -9.07 16.07
CA ASP A 71 27.42 -8.13 15.12
C ASP A 71 28.08 -6.77 15.32
N MET A 72 29.39 -6.76 15.47
CA MET A 72 30.22 -5.54 15.61
C MET A 72 29.57 -4.48 16.52
N GLY A 73 29.20 -4.84 17.73
CA GLY A 73 28.77 -3.92 18.74
C GLY A 73 27.26 -3.83 18.90
N TYR A 74 26.49 -4.30 17.93
CA TYR A 74 25.02 -4.30 18.06
C TYR A 74 24.59 -5.50 18.92
N ASP A 75 25.51 -6.29 19.46
CA ASP A 75 25.23 -7.37 20.43
C ASP A 75 25.87 -6.88 21.73
N ILE A 76 25.13 -6.23 22.60
CA ILE A 76 25.69 -5.55 23.77
C ILE A 76 25.61 -6.40 25.03
N SER A 77 26.72 -6.52 25.74
CA SER A 77 26.73 -7.32 26.95
C SER A 77 26.76 -6.49 28.22
N ASP A 78 26.97 -5.18 28.11
CA ASP A 78 26.86 -4.29 29.29
C ASP A 78 26.75 -2.87 28.77
N TYR A 79 25.59 -2.25 28.97
CA TYR A 79 25.40 -0.90 28.44
C TYR A 79 26.28 0.13 29.13
N LYS A 80 26.78 -0.17 30.33
CA LYS A 80 27.49 0.80 31.15
C LYS A 80 29.00 0.68 31.06
N ALA A 81 29.51 -0.13 30.16
CA ALA A 81 30.95 -0.30 30.04
C ALA A 81 31.33 -0.20 28.57
N ILE A 82 32.60 0.09 28.31
CA ILE A 82 33.17 0.35 26.96
C ILE A 82 33.96 -0.86 26.44
N HIS A 83 33.82 -1.21 25.16
CA HIS A 83 34.60 -2.27 24.48
C HIS A 83 36.08 -1.91 24.72
N GLU A 84 36.85 -2.78 25.37
CA GLU A 84 38.24 -2.49 25.83
C GLU A 84 39.12 -2.02 24.67
N PRO A 85 39.15 -2.61 23.45
CA PRO A 85 39.95 -2.06 22.37
C PRO A 85 39.65 -0.59 22.03
N TYR A 86 38.40 -0.15 22.15
CA TYR A 86 38.01 1.26 21.87
C TYR A 86 38.61 2.17 22.95
N GLY A 87 38.75 1.68 24.17
CA GLY A 87 39.37 2.44 25.26
C GLY A 87 38.74 2.21 26.60
N THR A 88 39.14 2.97 27.59
CA THR A 88 38.64 2.92 28.98
C THR A 88 37.33 3.70 29.10
N PHE A 89 36.65 3.54 30.22
CA PHE A 89 35.43 4.31 30.51
C PHE A 89 35.80 5.79 30.43
N ASP A 90 36.94 6.19 30.99
CA ASP A 90 37.34 7.59 30.98
C ASP A 90 37.63 8.09 29.57
N ASP A 91 38.10 7.20 28.69
CA ASP A 91 38.25 7.58 27.28
C ASP A 91 36.91 8.03 26.72
N CYS A 92 35.83 7.34 27.08
CA CYS A 92 34.53 7.71 26.55
C CYS A 92 34.06 9.04 27.13
N ILE A 93 34.27 9.26 28.42
CA ILE A 93 33.90 10.55 29.07
C ILE A 93 34.68 11.66 28.38
N LYS A 94 35.94 11.43 28.11
CA LYS A 94 36.85 12.39 27.44
C LYS A 94 36.34 12.71 26.03
N LEU A 95 35.90 11.73 25.24
CA LEU A 95 35.39 11.93 23.85
C LEU A 95 34.23 12.92 23.86
N ILE A 96 33.32 12.79 24.81
CA ILE A 96 32.13 13.66 24.98
C ILE A 96 32.63 15.09 25.17
N GLN A 97 33.54 15.29 26.11
CA GLN A 97 34.13 16.60 26.43
C GLN A 97 34.84 17.17 25.19
N GLU A 98 35.63 16.36 24.50
CA GLU A 98 36.42 16.79 23.31
C GLU A 98 35.48 17.31 22.20
N CYS A 99 34.36 16.64 21.99
CA CYS A 99 33.32 17.03 21.02
C CYS A 99 32.80 18.41 21.42
N HIS A 100 32.31 18.52 22.65
CA HIS A 100 31.73 19.74 23.25
C HIS A 100 32.72 20.90 23.15
N ASP A 101 33.99 20.64 23.41
CA ASP A 101 35.10 21.64 23.34
C ASP A 101 35.18 22.27 21.96
N ARG A 102 34.93 21.50 20.90
CA ARG A 102 35.00 21.92 19.49
C ARG A 102 33.65 22.38 18.94
N GLY A 103 32.61 22.50 19.75
CA GLY A 103 31.28 22.90 19.27
C GLY A 103 30.62 21.77 18.51
N LEU A 104 30.91 20.54 18.89
CA LEU A 104 30.32 19.34 18.24
C LEU A 104 29.39 18.66 19.24
N LYS A 105 28.18 18.33 18.84
CA LYS A 105 27.27 17.50 19.64
C LYS A 105 27.63 16.03 19.38
N ILE A 106 27.23 15.11 20.24
CA ILE A 106 27.47 13.69 20.05
C ILE A 106 26.27 12.86 20.49
N ILE A 107 25.80 11.92 19.66
CA ILE A 107 24.67 11.01 19.98
C ILE A 107 25.24 9.61 19.95
N PHE A 108 24.76 8.73 20.81
CA PHE A 108 25.17 7.32 20.94
C PHE A 108 24.10 6.47 20.25
N ASP A 109 24.37 5.20 20.06
CA ASP A 109 23.44 4.27 19.42
C ASP A 109 22.66 3.53 20.50
N LEU A 110 21.34 3.60 20.53
CA LEU A 110 20.50 2.90 21.51
C LEU A 110 20.02 1.59 20.87
N VAL A 111 20.52 0.44 21.31
CA VAL A 111 20.23 -0.91 20.78
C VAL A 111 19.53 -1.72 21.86
N VAL A 112 18.20 -1.63 21.95
CA VAL A 112 17.49 -2.29 23.03
C VAL A 112 16.38 -3.22 22.57
N ASN A 113 16.35 -3.64 21.31
CA ASN A 113 15.41 -4.68 20.86
C ASN A 113 15.96 -6.00 21.39
N HIS A 114 17.27 -6.10 21.54
CA HIS A 114 17.99 -7.30 21.96
C HIS A 114 19.27 -6.90 22.66
N THR A 115 19.84 -7.84 23.36
CA THR A 115 21.16 -7.73 23.98
C THR A 115 21.98 -8.90 23.46
N SER A 116 23.25 -8.93 23.82
CA SER A 116 24.13 -10.06 23.61
C SER A 116 23.54 -11.24 24.39
N ASP A 117 23.94 -12.44 24.00
CA ASP A 117 23.64 -13.64 24.81
C ASP A 117 24.62 -13.64 26.00
N GLN A 118 25.69 -12.85 25.97
CA GLN A 118 26.66 -12.69 27.07
C GLN A 118 26.22 -11.62 28.07
N HIS A 119 25.13 -10.88 27.83
CA HIS A 119 24.64 -9.98 28.86
C HIS A 119 24.22 -10.77 30.11
N GLU A 120 24.54 -10.22 31.28
CA GLU A 120 24.21 -10.89 32.54
C GLU A 120 22.71 -11.13 32.66
N TRP A 121 21.88 -10.23 32.11
CA TRP A 121 20.44 -10.47 32.11
C TRP A 121 20.10 -11.81 31.47
N PHE A 122 20.71 -12.10 30.32
CA PHE A 122 20.36 -13.33 29.60
C PHE A 122 20.95 -14.57 30.25
N LYS A 123 22.20 -14.49 30.75
CA LYS A 123 22.75 -15.62 31.49
C LYS A 123 21.82 -16.05 32.60
N GLN A 124 21.23 -15.08 33.30
CA GLN A 124 20.26 -15.42 34.32
C GLN A 124 18.97 -15.94 33.68
N SER A 125 18.47 -15.27 32.61
CA SER A 125 17.17 -15.68 32.10
C SER A 125 17.20 -17.08 31.52
N ARG A 126 18.29 -17.49 30.88
CA ARG A 126 18.44 -18.82 30.23
C ARG A 126 18.73 -19.87 31.30
N SER A 127 19.30 -19.46 32.44
CA SER A 127 19.63 -20.33 33.57
C SER A 127 18.57 -21.39 33.89
N SER A 128 17.34 -20.93 34.04
CA SER A 128 16.27 -21.75 34.60
C SER A 128 14.93 -21.13 34.25
N LYS A 129 13.88 -21.93 34.16
CA LYS A 129 12.53 -21.40 33.90
C LYS A 129 12.05 -20.70 35.17
N SER A 130 12.65 -21.01 36.31
CA SER A 130 12.29 -20.40 37.61
C SER A 130 13.13 -19.17 37.93
N ASN A 131 14.13 -18.76 37.12
CA ASN A 131 14.89 -17.54 37.34
C ASN A 131 13.98 -16.32 37.35
N ALA A 132 14.42 -15.30 38.09
CA ALA A 132 13.64 -14.07 38.23
C ALA A 132 13.55 -13.32 36.91
N LYS A 133 14.57 -13.43 36.07
CA LYS A 133 14.62 -12.70 34.81
C LYS A 133 14.28 -13.58 33.61
N ARG A 134 13.66 -14.73 33.83
CA ARG A 134 13.28 -15.70 32.78
C ARG A 134 12.38 -15.05 31.74
N ASP A 135 11.46 -14.20 32.20
CA ASP A 135 10.47 -13.49 31.35
C ASP A 135 11.04 -12.20 30.74
N TRP A 136 12.30 -11.84 31.01
CA TRP A 136 12.90 -10.65 30.41
C TRP A 136 13.19 -10.87 28.92
N TYR A 137 13.14 -12.12 28.47
CA TYR A 137 13.34 -12.52 27.06
C TYR A 137 12.15 -13.34 26.59
N ILE A 138 12.11 -13.65 25.31
CA ILE A 138 10.93 -14.32 24.71
C ILE A 138 11.19 -15.82 24.60
N TRP A 139 10.69 -16.62 25.56
CA TRP A 139 10.85 -18.09 25.60
C TRP A 139 9.52 -18.74 25.22
N LYS A 140 9.51 -19.64 24.24
CA LYS A 140 8.28 -20.32 23.81
C LYS A 140 8.53 -21.81 23.80
N PRO A 141 7.51 -22.67 24.05
CA PRO A 141 7.69 -24.09 23.99
C PRO A 141 7.76 -24.56 22.54
N ALA A 142 8.33 -25.74 22.34
CA ALA A 142 8.51 -26.36 21.03
C ALA A 142 7.17 -26.87 20.52
N LYS A 143 7.08 -27.07 19.22
CA LYS A 143 5.91 -27.65 18.54
C LYS A 143 6.39 -28.93 17.86
N TYR A 144 5.48 -29.80 17.47
CA TYR A 144 5.85 -31.09 16.83
C TYR A 144 5.02 -31.21 15.56
N ASP A 145 5.56 -31.84 14.52
CA ASP A 145 4.90 -31.99 13.20
C ASP A 145 4.11 -33.32 13.17
N GLU A 146 3.63 -33.74 11.98
CA GLU A 146 2.90 -35.00 11.73
C GLU A 146 3.80 -36.22 11.96
N GLN A 147 5.11 -36.09 11.77
CA GLN A 147 6.08 -37.18 11.95
C GLN A 147 6.63 -37.20 13.38
N GLY A 148 6.22 -36.28 14.25
CA GLY A 148 6.63 -36.23 15.67
C GLY A 148 7.95 -35.53 15.91
N ASN A 149 8.55 -34.89 14.90
CA ASN A 149 9.83 -34.17 15.05
C ASN A 149 9.58 -32.78 15.63
N ARG A 150 10.54 -32.25 16.39
CA ARG A 150 10.46 -30.94 17.06
C ARG A 150 10.64 -29.81 16.04
N ILE A 151 9.79 -28.79 16.05
CA ILE A 151 9.85 -27.65 15.11
C ILE A 151 9.67 -26.37 15.92
N PRO A 152 10.09 -25.18 15.45
CA PRO A 152 9.88 -23.98 16.23
C PRO A 152 8.43 -23.49 16.27
N PRO A 153 8.05 -22.54 17.13
CA PRO A 153 6.69 -22.07 17.21
C PRO A 153 6.03 -21.56 15.94
N ASN A 154 6.78 -21.02 14.99
CA ASN A 154 6.23 -20.45 13.74
C ASN A 154 7.30 -20.50 12.64
N ASN A 155 7.01 -19.93 11.47
CA ASN A 155 7.90 -19.88 10.27
C ASN A 155 8.82 -18.65 10.25
N TRP A 156 8.94 -17.87 11.31
CA TRP A 156 9.77 -16.64 11.33
C TRP A 156 11.23 -16.93 10.97
N GLU A 157 11.78 -16.21 9.99
CA GLU A 157 13.19 -16.30 9.59
C GLU A 157 13.93 -15.18 10.30
N SER A 158 15.14 -15.42 10.77
CA SER A 158 15.98 -14.34 11.34
C SER A 158 16.39 -13.41 10.20
N TYR A 159 16.54 -12.12 10.47
CA TYR A 159 17.03 -11.12 9.49
C TYR A 159 18.39 -11.54 8.95
N PHE A 160 19.20 -12.28 9.69
CA PHE A 160 20.56 -12.74 9.29
C PHE A 160 20.56 -14.19 8.79
N GLY A 161 19.42 -14.78 8.50
CA GLY A 161 19.33 -16.13 7.95
C GLY A 161 19.06 -17.21 8.99
N GLY A 162 18.41 -18.29 8.59
CA GLY A 162 18.02 -19.39 9.49
C GLY A 162 16.76 -19.06 10.27
N SER A 163 16.36 -19.93 11.16
CA SER A 163 15.15 -19.74 11.98
C SER A 163 15.42 -18.64 12.99
N ALA A 164 14.39 -17.92 13.40
CA ALA A 164 14.48 -16.84 14.39
C ALA A 164 14.37 -17.40 15.82
N TRP A 165 14.20 -18.71 15.99
CA TRP A 165 14.13 -19.37 17.30
C TRP A 165 15.34 -20.27 17.54
N GLU A 166 16.05 -20.11 18.65
CA GLU A 166 17.23 -20.96 18.97
C GLU A 166 16.81 -21.90 20.10
N TRP A 167 17.09 -23.20 19.99
CA TRP A 167 16.69 -24.20 21.00
C TRP A 167 17.67 -24.20 22.17
N ASP A 168 17.20 -24.04 23.41
CA ASP A 168 18.04 -24.12 24.62
C ASP A 168 17.78 -25.49 25.24
N GLU A 169 18.70 -26.45 25.13
CA GLU A 169 18.50 -27.81 25.65
C GLU A 169 18.24 -27.82 27.15
N GLU A 170 18.95 -26.99 27.91
CA GLU A 170 18.90 -27.08 29.37
C GLU A 170 17.48 -26.86 29.88
N THR A 171 16.76 -25.89 29.32
CA THR A 171 15.41 -25.56 29.75
C THR A 171 14.34 -26.02 28.77
N GLN A 172 14.74 -26.74 27.72
CA GLN A 172 13.82 -27.35 26.76
C GLN A 172 12.83 -26.32 26.22
N GLU A 173 13.33 -25.17 25.80
CA GLU A 173 12.48 -24.11 25.22
C GLU A 173 13.27 -23.36 24.15
N TYR A 174 12.56 -22.73 23.24
CA TYR A 174 13.09 -21.90 22.15
C TYR A 174 13.14 -20.45 22.60
N TYR A 175 14.18 -19.68 22.29
CA TYR A 175 14.20 -18.21 22.53
C TYR A 175 14.23 -17.46 21.19
N LEU A 176 13.62 -16.29 21.14
CA LEU A 176 13.50 -15.48 19.91
C LEU A 176 14.79 -14.70 19.69
N HIS A 177 15.24 -14.60 18.46
CA HIS A 177 16.39 -13.78 18.04
C HIS A 177 16.08 -13.38 16.62
N LEU A 178 15.58 -12.16 16.41
CA LEU A 178 15.35 -11.62 15.05
C LEU A 178 16.71 -11.46 14.33
N PHE A 179 17.80 -11.16 15.03
CA PHE A 179 19.14 -10.98 14.43
C PHE A 179 19.93 -12.28 14.64
N ALA A 180 21.20 -12.28 15.05
CA ALA A 180 21.99 -13.52 15.26
C ALA A 180 21.46 -14.32 16.46
N LYS A 181 21.91 -15.57 16.58
CA LYS A 181 21.56 -16.45 17.70
C LYS A 181 22.15 -15.88 19.00
N GLU A 182 23.24 -15.12 18.92
CA GLU A 182 23.89 -14.44 20.05
C GLU A 182 23.23 -13.08 20.39
N GLN A 183 22.14 -12.67 19.75
CA GLN A 183 21.38 -11.43 20.01
C GLN A 183 19.96 -11.79 20.44
N PRO A 184 19.70 -12.43 21.61
CA PRO A 184 18.34 -12.74 22.02
C PRO A 184 17.46 -11.50 22.21
N ASP A 185 16.20 -11.52 21.76
CA ASP A 185 15.27 -10.38 21.81
C ASP A 185 14.73 -10.17 23.22
N ILE A 186 14.58 -8.93 23.65
CA ILE A 186 14.00 -8.55 24.97
C ILE A 186 12.49 -8.78 24.86
N ASN A 187 11.85 -9.20 25.94
CA ASN A 187 10.39 -9.33 26.04
C ASN A 187 9.93 -7.96 26.53
N TRP A 188 9.45 -7.10 25.64
CA TRP A 188 9.04 -5.73 26.04
C TRP A 188 7.69 -5.72 26.79
N ARG A 189 6.99 -6.84 26.94
CA ARG A 189 5.79 -6.93 27.79
C ARG A 189 6.21 -6.90 29.26
N ASN A 190 7.43 -7.32 29.58
CA ASN A 190 7.96 -7.36 30.96
C ASN A 190 8.31 -5.94 31.44
N LEU A 191 7.66 -5.42 32.48
CA LEU A 191 7.90 -4.05 32.99
C LEU A 191 9.19 -3.99 33.82
N GLN A 192 9.71 -5.11 34.30
CA GLN A 192 10.96 -5.07 35.07
C GLN A 192 12.11 -4.93 34.06
N ALA A 193 11.99 -5.55 32.89
CA ALA A 193 12.99 -5.47 31.82
C ALA A 193 13.02 -4.03 31.32
N ARG A 194 11.86 -3.40 31.16
CA ARG A 194 11.75 -2.01 30.68
C ARG A 194 12.55 -1.10 31.59
N GLU A 195 12.35 -1.21 32.90
CA GLU A 195 13.01 -0.35 33.91
C GLU A 195 14.52 -0.53 33.87
N ALA A 196 15.02 -1.74 33.79
CA ALA A 196 16.48 -2.01 33.75
C ALA A 196 17.08 -1.38 32.50
N ILE A 197 16.39 -1.45 31.37
CA ILE A 197 16.84 -0.87 30.08
C ILE A 197 16.82 0.65 30.20
N TYR A 198 15.77 1.25 30.75
CA TYR A 198 15.70 2.72 30.93
C TYR A 198 16.87 3.20 31.79
N LYS A 199 17.18 2.48 32.84
CA LYS A 199 18.26 2.87 33.78
C LYS A 199 19.63 2.71 33.14
N ASP A 200 19.93 1.52 32.62
CA ASP A 200 21.26 1.16 32.09
C ASP A 200 21.56 1.73 30.70
N ALA A 201 20.62 1.68 29.77
CA ALA A 201 20.90 2.01 28.38
C ALA A 201 20.61 3.46 28.06
N ILE A 202 19.60 4.05 28.69
CA ILE A 202 19.15 5.42 28.36
C ILE A 202 19.65 6.46 29.37
N LEU A 203 19.20 6.43 30.61
CA LEU A 203 19.47 7.49 31.58
C LEU A 203 20.93 7.49 32.03
N PHE A 204 21.58 6.33 32.11
CA PHE A 204 23.01 6.27 32.43
C PHE A 204 23.83 7.20 31.53
N TRP A 205 23.54 7.18 30.23
CA TRP A 205 24.29 8.00 29.30
C TRP A 205 23.74 9.41 29.20
N LEU A 206 22.44 9.60 29.32
CA LEU A 206 21.88 10.96 29.28
C LEU A 206 22.48 11.75 30.45
N ASP A 207 22.68 11.10 31.59
CA ASP A 207 23.24 11.74 32.77
C ASP A 207 24.73 12.01 32.65
N ARG A 208 25.41 11.45 31.65
CA ARG A 208 26.81 11.77 31.42
C ARG A 208 26.99 12.72 30.24
N GLY A 209 25.91 13.36 29.80
CA GLY A 209 26.00 14.56 28.98
C GLY A 209 25.99 14.38 27.47
N ILE A 210 25.57 13.23 26.97
CA ILE A 210 25.45 13.07 25.53
C ILE A 210 24.27 13.91 25.03
N ASP A 211 24.20 14.12 23.74
CA ASP A 211 23.20 14.97 23.08
C ASP A 211 22.06 14.18 22.43
N GLY A 212 21.96 12.87 22.61
CA GLY A 212 20.81 12.14 22.13
C GLY A 212 21.18 10.73 21.69
N PHE A 213 20.30 10.11 20.93
CA PHE A 213 20.48 8.74 20.45
C PHE A 213 19.98 8.52 19.02
N ARG A 214 20.65 7.63 18.30
CA ARG A 214 20.12 7.02 17.08
C ARG A 214 19.53 5.72 17.64
N ILE A 215 18.26 5.44 17.45
CA ILE A 215 17.58 4.27 18.05
C ILE A 215 17.54 3.12 17.03
N ASP A 216 18.31 2.06 17.26
CA ASP A 216 18.38 0.83 16.42
C ASP A 216 17.01 0.17 16.37
N THR A 217 16.57 -0.30 15.20
CA THR A 217 15.31 -1.02 14.95
C THR A 217 14.16 -0.47 15.81
N VAL A 218 13.81 0.79 15.65
CA VAL A 218 12.83 1.51 16.52
C VAL A 218 11.40 0.99 16.38
N GLN A 219 11.05 0.27 15.33
CA GLN A 219 9.66 -0.19 15.14
C GLN A 219 9.38 -1.59 15.67
N ILE A 220 10.37 -2.39 16.02
CA ILE A 220 10.13 -3.85 16.26
C ILE A 220 10.20 -4.30 17.71
N TYR A 221 10.13 -3.41 18.70
CA TYR A 221 10.22 -3.82 20.12
C TYR A 221 9.04 -4.71 20.52
N SER A 222 7.84 -4.34 20.06
CA SER A 222 6.57 -4.99 20.42
C SER A 222 6.19 -6.11 19.44
N LYS A 223 6.28 -7.39 19.85
CA LYS A 223 5.87 -8.55 19.05
C LYS A 223 4.38 -8.81 19.28
N PRO A 224 3.63 -9.35 18.32
CA PRO A 224 2.22 -9.63 18.55
C PRO A 224 2.14 -10.87 19.45
N GLU A 225 1.36 -10.83 20.52
CA GLU A 225 1.18 -11.89 21.57
C GLU A 225 1.04 -13.31 21.01
N ASP A 226 0.34 -13.52 19.89
CA ASP A 226 0.07 -14.86 19.31
C ASP A 226 1.16 -15.36 18.38
N PHE A 227 2.22 -14.59 18.14
CA PHE A 227 3.37 -14.92 17.25
C PHE A 227 2.92 -15.70 16.02
N PRO A 228 2.06 -15.15 15.15
CA PRO A 228 1.57 -15.89 14.02
C PRO A 228 2.61 -16.00 12.91
N ASP A 229 2.37 -16.91 11.98
CA ASP A 229 3.24 -17.16 10.82
C ASP A 229 3.32 -15.88 10.01
N ALA A 230 4.49 -15.52 9.49
CA ALA A 230 4.67 -14.33 8.65
C ALA A 230 4.07 -14.61 7.26
N PRO A 231 3.67 -13.64 6.42
CA PRO A 231 3.17 -13.95 5.10
C PRO A 231 4.19 -14.59 4.14
N GLU A 232 3.72 -15.23 3.08
CA GLU A 232 4.60 -15.82 2.07
C GLU A 232 5.18 -14.68 1.22
N ARG A 233 6.24 -14.03 1.68
CA ARG A 233 6.88 -12.91 0.93
C ARG A 233 7.78 -13.52 -0.14
N VAL A 234 8.39 -14.66 0.12
CA VAL A 234 9.22 -15.41 -0.86
C VAL A 234 8.42 -16.66 -1.23
N PRO A 235 7.71 -16.70 -2.38
CA PRO A 235 6.90 -17.84 -2.76
C PRO A 235 7.64 -19.18 -2.67
N GLY A 236 7.12 -20.14 -1.90
CA GLY A 236 7.67 -21.50 -1.80
C GLY A 236 8.74 -21.67 -0.73
N GLN A 237 9.17 -20.62 -0.05
CA GLN A 237 10.23 -20.73 0.97
C GLN A 237 9.54 -21.13 2.27
N LYS A 238 10.17 -21.95 3.09
CA LYS A 238 9.57 -22.48 4.32
C LYS A 238 9.56 -21.39 5.39
N LEU A 239 10.70 -20.75 5.61
CA LEU A 239 10.78 -19.65 6.58
C LEU A 239 10.47 -18.34 5.87
N GLN A 240 9.89 -17.37 6.58
CA GLN A 240 9.53 -16.05 6.02
C GLN A 240 9.98 -14.96 7.02
N ASN A 241 10.63 -13.90 6.55
CA ASN A 241 11.08 -12.79 7.40
C ASN A 241 9.84 -12.15 8.03
N PRO A 242 9.73 -11.95 9.35
CA PRO A 242 8.54 -11.36 9.94
C PRO A 242 8.47 -9.83 10.11
N SER A 243 9.37 -9.07 9.47
CA SER A 243 9.43 -7.59 9.58
C SER A 243 8.05 -6.98 9.39
N ILE A 244 7.30 -7.40 8.38
CA ILE A 244 5.98 -6.81 8.05
C ILE A 244 4.97 -7.03 9.17
N ILE A 245 5.15 -7.99 10.07
CA ILE A 245 4.15 -8.18 11.15
C ILE A 245 4.70 -7.79 12.53
N VAL A 246 6.00 -7.60 12.75
CA VAL A 246 6.49 -7.17 14.09
C VAL A 246 6.62 -5.64 14.13
N GLU A 247 6.62 -4.95 13.00
CA GLU A 247 6.75 -3.48 12.97
C GLU A 247 5.49 -2.82 13.54
N THR A 248 5.63 -1.78 14.38
CA THR A 248 4.53 -1.05 15.04
C THR A 248 3.57 -2.06 15.66
N GLY A 249 4.05 -2.83 16.63
CA GLY A 249 3.32 -3.85 17.41
C GLY A 249 2.35 -3.26 18.42
N PRO A 250 1.55 -4.06 19.16
CA PRO A 250 0.53 -3.50 20.01
C PRO A 250 1.01 -2.54 21.10
N GLN A 251 2.24 -2.70 21.60
CA GLN A 251 2.80 -1.84 22.67
C GLN A 251 3.87 -0.88 22.16
N LEU A 252 4.17 -0.85 20.87
CA LEU A 252 5.28 -0.03 20.32
C LEU A 252 5.13 1.44 20.69
N HIS A 253 4.02 2.06 20.34
CA HIS A 253 3.78 3.50 20.63
C HIS A 253 3.80 3.73 22.12
N GLU A 254 3.16 2.85 22.88
CA GLU A 254 3.21 2.93 24.34
C GLU A 254 4.65 2.99 24.82
N ILE A 255 5.50 2.14 24.28
CA ILE A 255 6.90 2.09 24.72
C ILE A 255 7.62 3.42 24.39
N LEU A 256 7.49 3.90 23.17
CA LEU A 256 8.17 5.16 22.77
C LEU A 256 7.63 6.28 23.64
N GLN A 257 6.35 6.27 23.95
CA GLN A 257 5.79 7.31 24.82
C GLN A 257 6.42 7.25 26.20
N GLU A 258 6.68 6.04 26.68
CA GLU A 258 7.32 5.86 27.98
C GLU A 258 8.74 6.35 27.96
N MET A 259 9.48 6.02 26.90
CA MET A 259 10.87 6.45 26.77
C MET A 259 10.90 7.97 26.77
N ASN A 260 9.93 8.60 26.11
CA ASN A 260 9.90 10.06 25.99
C ASN A 260 9.62 10.67 27.36
N ARG A 261 8.60 10.20 28.05
CA ARG A 261 8.19 10.76 29.34
C ARG A 261 9.27 10.56 30.38
N LYS A 262 9.79 9.35 30.51
CA LYS A 262 10.79 9.01 31.54
C LYS A 262 12.18 9.55 31.22
N ALA A 263 12.54 9.81 29.97
CA ALA A 263 13.93 10.17 29.66
C ALA A 263 14.13 11.25 28.59
N PHE A 264 13.66 11.08 27.36
CA PHE A 264 14.01 11.99 26.23
C PHE A 264 13.55 13.43 26.49
N SER A 265 12.44 13.62 27.17
CA SER A 265 11.86 14.95 27.45
C SER A 265 12.61 15.67 28.58
N LYS A 266 13.41 14.97 29.37
CA LYS A 266 14.10 15.51 30.57
C LYS A 266 15.46 16.10 30.25
N TYR A 267 15.93 16.00 29.00
CA TYR A 267 17.25 16.51 28.58
C TYR A 267 17.10 17.20 27.22
N ASP A 268 18.03 18.08 26.88
CA ASP A 268 18.03 18.79 25.60
C ASP A 268 18.72 17.88 24.57
N ILE A 269 17.99 16.98 23.93
CA ILE A 269 18.55 15.95 23.00
C ILE A 269 17.74 15.85 21.71
N MET A 270 18.25 15.09 20.76
CA MET A 270 17.62 14.72 19.48
C MET A 270 17.49 13.19 19.46
N THR A 271 16.45 12.65 18.86
CA THR A 271 16.28 11.20 18.70
C THR A 271 15.98 10.91 17.21
N VAL A 272 16.68 10.00 16.58
CA VAL A 272 16.42 9.56 15.19
C VAL A 272 16.23 8.04 15.26
N GLY A 273 15.12 7.50 14.80
CA GLY A 273 14.84 6.05 14.85
C GLY A 273 15.10 5.37 13.52
N GLU A 274 15.69 4.17 13.44
CA GLU A 274 16.01 3.45 12.20
C GLU A 274 14.76 2.64 11.81
N GLY A 275 14.21 2.85 10.62
CA GLY A 275 13.06 2.11 10.14
C GLY A 275 11.80 2.96 10.23
N SER A 276 11.05 3.08 9.17
CA SER A 276 9.83 3.90 9.13
C SER A 276 8.66 3.10 8.56
N PRO A 277 7.39 3.33 8.96
CA PRO A 277 6.25 2.74 8.30
C PRO A 277 6.08 3.17 6.83
N PRO A 278 5.30 2.44 6.01
CA PRO A 278 5.15 2.83 4.63
C PRO A 278 4.16 3.96 4.35
N SER A 279 3.35 4.35 5.32
CA SER A 279 2.29 5.37 5.16
C SER A 279 2.64 6.67 5.89
N LEU A 280 2.16 7.79 5.39
CA LEU A 280 2.40 9.12 6.00
C LEU A 280 1.85 9.16 7.41
N GLU A 281 0.59 8.77 7.60
CA GLU A 281 -0.09 8.87 8.91
C GLU A 281 0.56 7.96 9.95
N LYS A 282 0.96 6.75 9.62
CA LYS A 282 1.61 5.86 10.62
C LYS A 282 3.00 6.38 10.96
N THR A 283 3.65 7.05 10.02
CA THR A 283 4.96 7.68 10.21
C THR A 283 4.81 8.87 11.17
N LEU A 284 3.80 9.71 10.96
CA LEU A 284 3.51 10.87 11.84
C LEU A 284 3.23 10.39 13.25
N GLU A 285 2.69 9.19 13.48
CA GLU A 285 2.50 8.65 14.85
C GLU A 285 3.84 8.59 15.59
N TYR A 286 4.94 8.42 14.87
CA TYR A 286 6.31 8.38 15.44
C TYR A 286 6.91 9.79 15.57
N VAL A 287 6.80 10.64 14.57
CA VAL A 287 7.60 11.89 14.51
C VAL A 287 6.79 13.19 14.59
N SER A 288 5.47 13.14 14.62
CA SER A 288 4.69 14.38 14.79
C SER A 288 5.15 14.97 16.12
N SER A 289 5.50 16.25 16.19
CA SER A 289 5.86 16.84 17.47
C SER A 289 4.70 16.73 18.47
N SER A 290 3.46 16.68 17.99
CA SER A 290 2.33 16.51 18.91
C SER A 290 2.30 15.13 19.59
N ARG A 291 2.98 14.12 19.07
CA ARG A 291 2.98 12.77 19.66
C ARG A 291 3.97 12.61 20.82
N HIS A 292 4.96 13.47 20.97
CA HIS A 292 5.99 13.39 22.04
C HIS A 292 6.55 11.96 22.09
N GLU A 293 7.10 11.49 20.98
CA GLU A 293 7.73 10.16 20.88
C GLU A 293 9.17 10.41 20.43
N ILE A 294 9.48 10.45 19.13
CA ILE A 294 10.87 10.69 18.67
C ILE A 294 10.83 11.81 17.63
N ASP A 295 11.98 12.35 17.26
CA ASP A 295 12.09 13.53 16.41
C ASP A 295 12.05 13.23 14.91
N MET A 296 12.62 12.12 14.46
CA MET A 296 12.73 11.79 13.02
C MET A 296 13.05 10.31 12.82
N LEU A 297 12.88 9.81 11.60
CA LEU A 297 13.09 8.39 11.25
C LEU A 297 13.95 8.24 10.00
N PHE A 298 14.78 7.21 9.94
CA PHE A 298 15.50 6.81 8.72
C PHE A 298 14.53 5.86 8.00
N SER A 299 14.18 6.12 6.75
CA SER A 299 13.35 5.18 5.97
C SER A 299 14.31 4.32 5.16
N PHE A 300 14.06 3.04 4.99
CA PHE A 300 14.84 2.10 4.14
C PHE A 300 14.46 2.19 2.66
N ASP A 301 13.37 2.87 2.31
CA ASP A 301 12.84 2.94 0.92
C ASP A 301 13.90 3.31 -0.11
N PHE A 302 14.66 4.38 0.08
CA PHE A 302 15.63 4.80 -0.93
C PHE A 302 16.70 3.75 -1.14
N GLY A 303 17.23 3.20 -0.05
CA GLY A 303 18.25 2.16 -0.07
C GLY A 303 17.81 0.89 -0.78
N ALA A 304 16.52 0.63 -0.87
CA ALA A 304 15.94 -0.58 -1.51
C ALA A 304 15.67 -0.43 -3.01
N LEU A 305 15.98 0.69 -3.64
CA LEU A 305 15.68 0.91 -5.07
C LEU A 305 16.48 -0.01 -5.99
N ASP A 306 17.64 -0.52 -5.57
CA ASP A 306 18.50 -1.34 -6.45
C ASP A 306 18.63 -2.79 -5.97
N HIS A 307 17.91 -3.24 -4.94
CA HIS A 307 17.97 -4.65 -4.47
C HIS A 307 16.81 -4.99 -3.52
N ARG A 308 16.47 -6.27 -3.45
CA ARG A 308 15.43 -6.84 -2.57
C ARG A 308 16.14 -7.87 -1.68
N GLU A 309 16.47 -7.53 -0.45
CA GLU A 309 17.28 -8.37 0.45
C GLU A 309 16.63 -9.70 0.82
N ILE A 310 15.32 -9.81 0.94
CA ILE A 310 14.70 -11.09 1.37
C ILE A 310 14.96 -12.18 0.33
N ALA A 311 15.05 -11.85 -0.96
CA ALA A 311 15.33 -12.78 -2.09
C ALA A 311 16.75 -12.65 -2.60
N HIS A 312 17.58 -11.86 -1.93
CA HIS A 312 18.93 -11.46 -2.32
C HIS A 312 19.03 -11.28 -3.83
N THR A 313 18.26 -10.36 -4.40
CA THR A 313 18.31 -10.08 -5.84
C THR A 313 18.71 -8.61 -6.08
N LEU A 314 19.42 -8.35 -7.18
CA LEU A 314 19.81 -7.00 -7.64
C LEU A 314 18.85 -6.61 -8.75
N ASN A 315 18.62 -5.33 -8.94
CA ASN A 315 17.74 -4.80 -9.99
C ASN A 315 18.21 -3.39 -10.33
N ASP A 316 17.90 -2.95 -11.54
CA ASP A 316 18.22 -1.62 -12.08
C ASP A 316 17.30 -0.64 -11.36
N ILE A 317 17.72 0.60 -11.17
CA ILE A 317 16.88 1.57 -10.44
C ILE A 317 15.78 2.08 -11.36
N ASP A 318 14.53 2.07 -10.93
CA ASP A 318 13.40 2.62 -11.70
C ASP A 318 13.36 4.12 -11.37
N MET A 319 13.73 4.99 -12.29
CA MET A 319 13.80 6.44 -12.03
C MET A 319 12.46 6.97 -11.51
N VAL A 320 11.33 6.55 -12.05
CA VAL A 320 10.03 7.08 -11.55
C VAL A 320 9.82 6.64 -10.11
N GLU A 321 10.12 5.40 -9.76
CA GLU A 321 10.00 4.87 -8.39
C GLU A 321 10.91 5.68 -7.46
N MET A 322 12.07 6.06 -7.94
CA MET A 322 12.97 6.86 -7.13
C MET A 322 12.37 8.24 -6.84
N LYS A 323 11.72 8.84 -7.81
CA LYS A 323 11.09 10.17 -7.64
C LYS A 323 10.00 10.05 -6.58
N GLU A 324 9.15 9.05 -6.71
CA GLU A 324 8.04 8.79 -5.78
C GLU A 324 8.60 8.51 -4.39
N THR A 325 9.74 7.84 -4.29
CA THR A 325 10.32 7.49 -2.99
C THR A 325 10.88 8.71 -2.29
N VAL A 326 11.53 9.59 -3.01
CA VAL A 326 12.06 10.85 -2.44
C VAL A 326 10.90 11.72 -1.96
N TYR A 327 9.88 11.93 -2.77
CA TYR A 327 8.71 12.78 -2.45
C TYR A 327 7.97 12.22 -1.24
N ARG A 328 7.89 10.91 -1.14
CA ARG A 328 7.14 10.19 -0.10
C ARG A 328 7.49 10.71 1.30
N TRP A 329 8.76 10.89 1.61
CA TRP A 329 9.20 11.32 2.96
C TRP A 329 9.65 12.79 3.01
N GLN A 330 9.92 13.44 1.88
CA GLN A 330 10.25 14.88 1.83
C GLN A 330 8.96 15.68 2.11
N ARG A 331 7.80 15.11 1.80
CA ARG A 331 6.41 15.58 2.09
C ARG A 331 6.23 16.03 3.53
N LEU A 332 6.85 15.36 4.50
CA LEU A 332 6.76 15.65 5.94
C LEU A 332 7.16 17.10 6.25
N VAL A 333 8.14 17.67 5.57
CA VAL A 333 8.63 19.04 5.86
C VAL A 333 7.68 20.09 5.27
N GLY A 334 7.10 20.97 6.08
CA GLY A 334 6.24 22.06 5.60
C GLY A 334 4.76 21.78 5.72
N LYS A 335 4.30 20.61 5.31
CA LYS A 335 2.88 20.21 5.27
C LYS A 335 2.46 19.53 6.57
N THR A 336 3.37 19.23 7.48
CA THR A 336 3.05 18.57 8.77
C THR A 336 3.84 19.21 9.91
N ASP A 337 3.63 18.74 11.16
CA ASP A 337 4.50 19.07 12.28
C ASP A 337 5.55 17.99 12.56
N GLY A 338 5.81 17.11 11.58
CA GLY A 338 6.83 16.10 11.69
C GLY A 338 8.17 16.58 11.17
N TRP A 339 9.09 15.64 11.00
CA TRP A 339 10.43 15.89 10.46
C TRP A 339 10.85 14.63 9.70
N THR A 340 11.90 14.72 8.92
CA THR A 340 12.44 13.58 8.16
C THR A 340 13.95 13.67 8.14
N THR A 341 14.58 12.67 7.55
CA THR A 341 16.03 12.58 7.38
C THR A 341 16.33 12.23 5.92
N PHE A 342 17.55 12.50 5.49
CA PHE A 342 18.03 12.05 4.17
C PHE A 342 19.46 11.53 4.34
N PHE A 343 19.79 10.42 3.68
CA PHE A 343 21.12 9.79 3.75
C PHE A 343 21.26 8.82 2.57
N LEU A 344 22.46 8.66 2.01
CA LEU A 344 22.76 7.67 0.96
C LEU A 344 23.68 6.58 1.50
N GLU A 345 24.35 6.78 2.63
CA GLU A 345 25.35 5.84 3.19
C GLU A 345 25.15 5.65 4.69
N ASN A 346 25.63 4.52 5.19
CA ASN A 346 25.65 4.11 6.62
C ASN A 346 26.48 2.83 6.73
N HIS A 347 26.72 2.39 7.95
CA HIS A 347 27.48 1.16 8.28
C HIS A 347 26.76 -0.09 7.77
N ASP A 348 25.49 -0.02 7.39
CA ASP A 348 24.75 -1.18 6.84
C ASP A 348 24.61 -1.22 5.32
N SER A 349 25.28 -0.35 4.60
CA SER A 349 25.07 -0.17 3.14
C SER A 349 26.36 -0.21 2.34
N GLY A 350 26.22 -0.38 1.03
CA GLY A 350 27.31 -0.20 0.08
C GLY A 350 27.58 1.29 -0.16
N ARG A 351 28.67 1.62 -0.82
CA ARG A 351 29.07 3.01 -1.09
C ARG A 351 28.14 3.62 -2.15
N SER A 352 27.75 4.88 -1.96
CA SER A 352 26.76 5.61 -2.77
C SER A 352 27.27 5.85 -4.19
N ILE A 353 28.52 6.20 -4.39
CA ILE A 353 29.03 6.48 -5.75
C ILE A 353 29.01 5.20 -6.60
N SER A 354 29.18 4.04 -5.99
CA SER A 354 29.19 2.78 -6.74
C SER A 354 27.79 2.34 -7.12
N ARG A 355 26.81 2.68 -6.30
CA ARG A 355 25.40 2.26 -6.41
C ARG A 355 24.51 3.24 -7.17
N PHE A 356 24.69 4.54 -6.99
CA PHE A 356 23.82 5.58 -7.59
C PHE A 356 24.54 6.46 -8.60
N ALA A 357 25.80 6.23 -8.91
CA ALA A 357 26.51 7.03 -9.89
C ALA A 357 27.51 6.11 -10.55
N SER A 358 28.74 6.56 -10.79
CA SER A 358 29.73 5.71 -11.43
C SER A 358 31.07 5.77 -10.71
N ASP A 359 31.73 4.63 -10.43
CA ASP A 359 33.06 4.55 -9.77
C ASP A 359 34.12 4.02 -10.74
N ALA A 360 33.81 4.08 -12.02
CA ALA A 360 34.55 3.44 -13.13
C ALA A 360 35.97 3.96 -13.27
N THR A 361 36.22 5.26 -13.13
CA THR A 361 37.54 5.90 -13.37
C THR A 361 37.86 6.97 -12.31
N PRO A 362 39.09 7.50 -12.17
CA PRO A 362 39.36 8.56 -11.22
C PRO A 362 38.43 9.77 -11.48
N GLU A 363 38.29 10.17 -12.73
CA GLU A 363 37.46 11.32 -13.17
C GLU A 363 36.01 11.06 -12.77
N ALA A 364 35.48 9.87 -13.02
CA ALA A 364 34.09 9.49 -12.69
C ALA A 364 33.88 9.47 -11.18
N ARG A 365 34.85 9.00 -10.41
CA ARG A 365 34.75 8.94 -8.93
C ARG A 365 34.55 10.37 -8.41
N ASN A 366 35.31 11.32 -8.92
CA ASN A 366 35.25 12.75 -8.51
C ASN A 366 33.90 13.35 -8.93
N ARG A 367 33.52 13.18 -10.19
CA ARG A 367 32.25 13.67 -10.76
C ARG A 367 31.08 13.11 -9.95
N SER A 368 31.08 11.83 -9.66
CA SER A 368 30.03 11.12 -8.89
C SER A 368 29.90 11.68 -7.48
N THR A 369 31.00 11.93 -6.78
CA THR A 369 30.96 12.45 -5.40
C THR A 369 30.23 13.78 -5.38
N LYS A 370 30.49 14.66 -6.35
CA LYS A 370 29.85 15.97 -6.43
C LYS A 370 28.37 15.81 -6.78
N PHE A 371 28.04 14.97 -7.77
CA PHE A 371 26.67 14.70 -8.22
C PHE A 371 25.78 14.35 -7.01
N LEU A 372 26.15 13.35 -6.23
CA LEU A 372 25.37 12.87 -5.07
C LEU A 372 25.36 13.90 -3.93
N ALA A 373 26.39 14.72 -3.80
CA ALA A 373 26.44 15.79 -2.80
C ALA A 373 25.32 16.78 -3.09
N VAL A 374 25.06 17.11 -4.34
CA VAL A 374 23.94 18.02 -4.72
C VAL A 374 22.61 17.34 -4.38
N LEU A 375 22.46 16.06 -4.68
CA LEU A 375 21.21 15.30 -4.37
C LEU A 375 20.95 15.35 -2.86
N GLN A 376 21.93 15.07 -2.01
CA GLN A 376 21.74 15.06 -0.55
C GLN A 376 21.56 16.45 0.03
N ALA A 377 22.38 17.41 -0.36
CA ALA A 377 22.38 18.79 0.19
C ALA A 377 21.06 19.50 -0.07
N THR A 378 20.33 19.19 -1.15
CA THR A 378 19.06 19.85 -1.50
C THR A 378 17.85 19.17 -0.83
N MET A 379 18.04 18.10 -0.09
CA MET A 379 16.91 17.42 0.58
C MET A 379 16.61 18.11 1.93
N SER A 380 15.35 18.36 2.23
CA SER A 380 14.87 18.90 3.51
C SER A 380 14.97 17.83 4.59
N GLY A 381 14.92 18.25 5.84
CA GLY A 381 15.10 17.37 6.99
C GLY A 381 16.55 17.38 7.42
N THR A 382 16.90 16.51 8.36
CA THR A 382 18.24 16.44 8.93
C THR A 382 19.13 15.63 7.97
N LEU A 383 20.28 16.15 7.58
CA LEU A 383 21.22 15.54 6.62
C LEU A 383 22.23 14.64 7.35
N TYR A 384 22.42 13.40 6.92
CA TYR A 384 23.37 12.47 7.55
C TYR A 384 24.46 12.05 6.55
N LEU A 385 25.73 12.15 6.94
CA LEU A 385 26.93 11.77 6.18
C LEU A 385 27.51 10.54 6.87
N TYR A 386 28.15 9.66 6.13
CA TYR A 386 28.83 8.49 6.72
C TYR A 386 30.32 8.68 6.47
N GLN A 387 31.19 8.36 7.41
CA GLN A 387 32.64 8.53 7.26
C GLN A 387 33.14 8.00 5.92
N GLY A 388 33.87 8.85 5.20
CA GLY A 388 34.40 8.50 3.90
C GLY A 388 33.49 8.87 2.73
N GLN A 389 32.20 9.13 2.94
CA GLN A 389 31.30 9.58 1.86
C GLN A 389 31.84 10.92 1.34
N GLU A 390 32.50 11.73 2.17
CA GLU A 390 32.92 13.04 1.73
C GLU A 390 34.11 13.00 0.78
N ILE A 391 34.88 11.92 0.76
CA ILE A 391 35.96 11.76 -0.23
C ILE A 391 35.62 10.77 -1.33
N GLY A 392 34.43 10.17 -1.30
CA GLY A 392 34.04 9.26 -2.35
C GLY A 392 34.63 7.88 -2.31
N ILE A 393 34.80 7.32 -1.12
CA ILE A 393 35.18 5.91 -1.02
C ILE A 393 34.16 5.08 -1.81
N PRO A 394 34.61 4.21 -2.72
CA PRO A 394 33.69 3.36 -3.47
C PRO A 394 33.56 1.96 -2.87
N ASN A 395 32.81 1.06 -3.47
CA ASN A 395 32.75 -0.35 -3.05
C ASN A 395 34.11 -1.03 -3.28
N LEU A 396 34.36 -2.07 -2.50
CA LEU A 396 35.50 -2.97 -2.66
C LEU A 396 35.39 -3.53 -4.08
N PRO A 397 36.44 -3.49 -4.92
CA PRO A 397 36.32 -4.01 -6.28
C PRO A 397 36.20 -5.53 -6.35
N ASP A 398 35.86 -6.05 -7.53
CA ASP A 398 35.65 -7.48 -7.85
C ASP A 398 36.85 -8.35 -7.42
N GLU A 399 38.08 -7.86 -7.51
CA GLU A 399 39.32 -8.59 -7.14
C GLU A 399 39.37 -8.92 -5.63
N VAL A 400 38.67 -8.21 -4.76
CA VAL A 400 38.67 -8.51 -3.30
C VAL A 400 37.91 -9.82 -3.09
N PRO A 401 38.54 -10.90 -2.59
CA PRO A 401 37.85 -12.17 -2.44
C PRO A 401 36.84 -12.17 -1.28
N ILE A 402 35.90 -13.10 -1.34
CA ILE A 402 34.78 -13.29 -0.37
C ILE A 402 35.27 -13.41 1.08
N GLU A 403 36.46 -13.98 1.31
CA GLU A 403 37.05 -14.18 2.64
C GLU A 403 37.28 -12.85 3.38
N GLU A 404 37.44 -11.74 2.66
CA GLU A 404 37.66 -10.41 3.26
C GLU A 404 36.33 -9.81 3.76
N TYR A 405 35.18 -10.34 3.36
CA TYR A 405 33.85 -9.85 3.82
C TYR A 405 33.61 -10.45 5.22
N LYS A 406 34.10 -9.79 6.26
CA LYS A 406 34.06 -10.24 7.66
C LYS A 406 32.69 -10.07 8.30
N ASP A 407 31.80 -9.30 7.70
CA ASP A 407 30.47 -9.08 8.29
C ASP A 407 29.75 -10.43 8.49
N VAL A 408 29.12 -10.68 9.63
CA VAL A 408 28.36 -11.93 9.93
C VAL A 408 27.24 -12.13 8.89
N ASN A 409 26.56 -11.08 8.45
CA ASN A 409 25.48 -11.17 7.44
C ASN A 409 26.04 -11.69 6.11
N SER A 410 27.18 -11.19 5.67
CA SER A 410 27.83 -11.60 4.41
C SER A 410 28.21 -13.08 4.49
N ILE A 411 28.86 -13.46 5.57
CA ILE A 411 29.32 -14.84 5.86
C ILE A 411 28.11 -15.76 5.91
N ASN A 412 27.05 -15.40 6.61
CA ASN A 412 25.83 -16.22 6.75
C ASN A 412 25.19 -16.45 5.37
N TYR A 413 25.02 -15.40 4.57
CA TYR A 413 24.36 -15.50 3.24
C TYR A 413 25.18 -16.40 2.33
N TYR A 414 26.46 -16.10 2.15
CA TYR A 414 27.35 -16.89 1.28
C TYR A 414 27.29 -18.37 1.68
N ASN A 415 27.41 -18.66 2.97
CA ASN A 415 27.42 -20.03 3.52
C ASN A 415 26.06 -20.67 3.25
N ALA A 416 24.96 -19.92 3.27
CA ALA A 416 23.63 -20.45 2.95
C ALA A 416 23.64 -20.89 1.49
N VAL A 417 24.25 -20.13 0.61
CA VAL A 417 24.32 -20.47 -0.83
C VAL A 417 25.20 -21.72 -0.98
N LYS A 418 26.33 -21.79 -0.27
CA LYS A 418 27.26 -22.94 -0.30
C LYS A 418 26.49 -24.21 0.09
N GLU A 419 25.72 -24.16 1.16
CA GLU A 419 24.97 -25.32 1.70
C GLU A 419 23.80 -25.71 0.81
N ASP A 420 22.91 -24.77 0.52
CA ASP A 420 21.67 -25.06 -0.23
C ASP A 420 21.94 -25.44 -1.68
N THR A 421 22.99 -24.94 -2.30
CA THR A 421 23.28 -25.25 -3.72
C THR A 421 24.40 -26.29 -3.85
N LYS A 422 24.91 -26.84 -2.75
CA LYS A 422 25.99 -27.84 -2.72
C LYS A 422 27.16 -27.31 -3.53
N ASN A 423 27.57 -26.07 -3.23
CA ASN A 423 28.69 -25.33 -3.87
C ASN A 423 28.51 -25.19 -5.37
N ASP A 424 27.30 -24.92 -5.82
CA ASP A 424 27.04 -24.66 -7.25
C ASP A 424 27.94 -23.47 -7.62
N PRO A 425 29.00 -23.57 -8.46
CA PRO A 425 29.83 -22.40 -8.70
C PRO A 425 29.12 -21.22 -9.37
N ASP A 426 28.08 -21.45 -10.15
CA ASP A 426 27.29 -20.36 -10.78
C ASP A 426 26.55 -19.62 -9.65
N ALA A 427 26.04 -20.34 -8.66
CA ALA A 427 25.27 -19.77 -7.53
C ALA A 427 26.19 -18.91 -6.65
N LEU A 428 27.39 -19.38 -6.36
CA LEU A 428 28.37 -18.66 -5.54
C LEU A 428 28.81 -17.37 -6.26
N LYS A 429 29.07 -17.42 -7.55
CA LYS A 429 29.48 -16.25 -8.34
C LYS A 429 28.36 -15.20 -8.30
N LYS A 430 27.12 -15.63 -8.41
CA LYS A 430 25.94 -14.73 -8.36
C LYS A 430 25.82 -14.16 -6.95
N ALA A 431 26.14 -14.94 -5.92
CA ALA A 431 26.11 -14.52 -4.50
C ALA A 431 27.20 -13.47 -4.27
N LYS A 432 28.39 -13.71 -4.80
CA LYS A 432 29.54 -12.78 -4.69
C LYS A 432 29.14 -11.45 -5.33
N LYS A 433 28.57 -11.50 -6.52
CA LYS A 433 28.17 -10.29 -7.27
C LYS A 433 27.14 -9.52 -6.44
N TYR A 434 26.19 -10.20 -5.83
CA TYR A 434 25.17 -9.58 -4.96
C TYR A 434 25.91 -8.83 -3.85
N LEU A 435 26.84 -9.50 -3.18
CA LEU A 435 27.56 -8.87 -2.07
C LEU A 435 28.49 -7.74 -2.54
N GLN A 436 29.08 -7.84 -3.72
CA GLN A 436 30.02 -6.81 -4.23
C GLN A 436 29.26 -5.49 -4.43
N LYS A 437 27.95 -5.53 -4.59
CA LYS A 437 27.11 -4.34 -4.81
C LYS A 437 26.54 -3.78 -3.49
N VAL A 438 25.96 -4.62 -2.64
CA VAL A 438 25.18 -4.13 -1.46
C VAL A 438 25.61 -4.69 -0.11
N ALA A 439 26.75 -5.38 0.03
CA ALA A 439 27.18 -5.86 1.33
C ALA A 439 27.47 -4.71 2.28
N ARG A 440 27.41 -4.98 3.58
CA ARG A 440 27.72 -4.01 4.64
C ARG A 440 29.23 -3.77 4.72
N ASP A 441 30.04 -4.71 4.25
CA ASP A 441 31.52 -4.65 4.27
C ASP A 441 32.06 -3.43 3.51
N HIS A 442 31.39 -2.91 2.51
CA HIS A 442 31.89 -1.77 1.75
C HIS A 442 31.94 -0.50 2.61
N ALA A 443 31.18 -0.46 3.71
CA ALA A 443 31.19 0.64 4.64
C ALA A 443 32.19 0.46 5.78
N ARG A 444 32.71 -0.73 5.97
CA ARG A 444 33.55 -1.10 7.14
C ARG A 444 35.03 -1.15 6.80
N SER A 445 35.41 -1.15 5.53
CA SER A 445 36.82 -1.04 5.12
C SER A 445 37.36 0.25 5.74
N PRO A 446 38.50 0.26 6.47
CA PRO A 446 38.96 1.46 7.13
C PRO A 446 38.98 2.80 6.36
N MET A 447 38.70 3.90 7.05
CA MET A 447 38.75 5.27 6.54
C MET A 447 40.11 5.58 5.94
N GLN A 448 40.11 6.33 4.85
CA GLN A 448 41.33 6.50 4.03
C GLN A 448 41.96 7.89 4.22
N TRP A 449 42.93 8.02 5.14
CA TRP A 449 43.53 9.32 5.51
C TRP A 449 44.57 9.84 4.53
N ASP A 450 45.49 9.00 4.07
CA ASP A 450 46.56 9.44 3.17
C ASP A 450 47.01 8.26 2.31
N ALA A 451 48.06 8.43 1.54
CA ALA A 451 48.64 7.25 0.75
C ALA A 451 49.74 6.44 1.45
N SER A 452 49.92 6.46 2.77
CA SER A 452 50.82 5.54 3.43
C SER A 452 50.14 4.17 3.55
N LYS A 453 50.91 3.23 4.09
CA LYS A 453 50.50 1.85 4.40
C LYS A 453 49.10 1.84 5.03
N HIS A 454 48.14 1.13 4.45
CA HIS A 454 46.74 0.99 4.92
C HIS A 454 46.07 2.37 4.96
N SER A 455 46.47 3.31 4.09
CA SER A 455 45.89 4.67 4.02
C SER A 455 46.06 5.42 5.34
N GLY A 456 47.09 5.11 6.11
CA GLY A 456 47.33 5.77 7.40
C GLY A 456 46.28 5.51 8.45
N PHE A 457 45.41 4.51 8.28
CA PHE A 457 44.39 4.18 9.27
C PHE A 457 45.08 3.53 10.46
N THR A 458 46.12 2.76 10.21
CA THR A 458 46.83 2.01 11.27
C THR A 458 48.33 1.90 11.00
N ASP A 459 49.10 1.81 12.06
CA ASP A 459 50.54 1.54 12.04
C ASP A 459 50.74 0.04 11.93
N GLY A 460 49.76 -0.85 12.29
CA GLY A 460 49.84 -2.32 12.32
C GLY A 460 49.14 -2.93 11.13
N GLU A 461 48.33 -3.95 11.34
CA GLU A 461 47.59 -4.66 10.28
C GLU A 461 46.10 -4.43 10.57
N PRO A 462 45.31 -3.85 9.65
CA PRO A 462 43.93 -3.53 9.95
C PRO A 462 43.07 -4.78 10.16
N TRP A 463 42.05 -4.68 10.99
CA TRP A 463 41.10 -5.78 11.30
C TRP A 463 40.36 -6.19 10.03
N MET A 464 40.14 -5.26 9.11
CA MET A 464 39.39 -5.38 7.85
C MET A 464 40.27 -4.76 6.76
N ILE A 465 40.29 -5.34 5.56
CA ILE A 465 41.14 -4.85 4.46
C ILE A 465 40.75 -3.42 4.08
N VAL A 466 41.72 -2.57 3.77
CA VAL A 466 41.48 -1.19 3.31
C VAL A 466 41.16 -1.28 1.81
N ASN A 467 40.19 -0.54 1.32
CA ASN A 467 39.87 -0.52 -0.12
C ASN A 467 41.16 -0.22 -0.90
N PRO A 468 41.58 -1.01 -1.90
CA PRO A 468 42.84 -0.80 -2.62
C PRO A 468 42.95 0.47 -3.50
N ILE A 469 41.87 1.23 -3.67
CA ILE A 469 41.82 2.57 -4.34
C ILE A 469 42.38 3.65 -3.41
N TYR A 470 42.78 3.35 -2.17
CA TYR A 470 43.26 4.39 -1.22
C TYR A 470 44.44 5.21 -1.77
N PRO A 471 45.43 4.75 -2.58
CA PRO A 471 46.48 5.63 -3.03
C PRO A 471 45.93 6.85 -3.79
N GLU A 472 44.83 6.73 -4.51
CA GLU A 472 44.15 7.85 -5.19
C GLU A 472 43.17 8.55 -4.26
N VAL A 473 42.26 7.81 -3.66
CA VAL A 473 41.16 8.36 -2.83
C VAL A 473 41.57 8.39 -1.36
N ASN A 474 41.94 9.55 -0.83
CA ASN A 474 42.30 9.71 0.59
C ASN A 474 42.17 11.18 1.00
N VAL A 475 41.99 11.42 2.30
CA VAL A 475 41.79 12.79 2.83
C VAL A 475 42.94 13.70 2.42
N ALA A 476 44.19 13.30 2.63
CA ALA A 476 45.40 14.12 2.38
C ALA A 476 45.47 14.56 0.92
N ALA A 477 45.07 13.73 -0.03
CA ALA A 477 45.12 14.05 -1.47
C ALA A 477 44.01 15.04 -1.86
N GLN A 478 42.94 15.14 -1.10
CA GLN A 478 41.75 16.00 -1.39
C GLN A 478 41.77 17.32 -0.60
N GLU A 479 42.49 17.40 0.51
CA GLU A 479 42.53 18.57 1.40
C GLU A 479 42.86 19.87 0.68
N TRP A 480 43.93 19.91 -0.10
CA TRP A 480 44.41 21.16 -0.74
C TRP A 480 44.08 21.22 -2.23
N ASP A 481 43.28 20.30 -2.74
CA ASP A 481 42.84 20.35 -4.14
C ASP A 481 41.47 21.03 -4.09
N ALA A 482 41.30 22.22 -4.66
CA ALA A 482 40.02 22.92 -4.69
C ALA A 482 38.96 22.16 -5.48
N ASP A 483 39.37 21.31 -6.42
CA ASP A 483 38.47 20.48 -7.27
C ASP A 483 38.04 19.16 -6.61
N SER A 484 38.46 18.84 -5.39
CA SER A 484 38.16 17.53 -4.76
C SER A 484 36.71 17.38 -4.28
N GLY A 485 36.27 16.14 -4.12
CA GLY A 485 34.94 15.84 -3.57
C GLY A 485 34.80 16.41 -2.16
N LEU A 486 35.88 16.38 -1.37
CA LEU A 486 35.88 16.87 0.03
C LEU A 486 35.58 18.37 0.04
N ASN A 487 36.25 19.13 -0.80
CA ASN A 487 36.07 20.59 -0.88
C ASN A 487 34.70 20.90 -1.49
N PHE A 488 34.19 20.04 -2.37
CA PHE A 488 32.84 20.23 -2.94
C PHE A 488 31.81 20.09 -1.81
N TRP A 489 31.95 19.07 -0.98
CA TRP A 489 31.09 18.80 0.21
C TRP A 489 31.13 19.98 1.18
N ARG A 490 32.31 20.47 1.53
CA ARG A 490 32.49 21.61 2.47
C ARG A 490 31.70 22.82 1.93
N HIS A 491 31.85 23.09 0.64
CA HIS A 491 31.19 24.21 -0.06
C HIS A 491 29.67 24.04 -0.08
N ILE A 492 29.18 22.86 -0.45
CA ILE A 492 27.72 22.64 -0.58
C ILE A 492 27.06 22.68 0.80
N LEU A 493 27.75 22.30 1.87
CA LEU A 493 27.19 22.36 3.24
C LEU A 493 27.08 23.83 3.64
N LYS A 494 28.04 24.66 3.24
CA LYS A 494 28.01 26.13 3.47
C LYS A 494 26.79 26.69 2.70
N PHE A 495 26.61 26.28 1.44
CA PHE A 495 25.47 26.70 0.58
C PHE A 495 24.16 26.33 1.26
N ARG A 496 24.06 25.10 1.77
CA ARG A 496 22.87 24.56 2.43
C ARG A 496 22.51 25.43 3.64
N ARG A 497 23.47 25.72 4.49
CA ARG A 497 23.29 26.52 5.72
C ARG A 497 22.80 27.93 5.33
N GLN A 498 23.45 28.55 4.35
CA GLN A 498 23.16 29.93 3.91
C GLN A 498 21.76 30.02 3.29
N HIS A 499 21.24 28.95 2.71
CA HIS A 499 19.91 28.92 2.07
C HIS A 499 19.04 27.88 2.78
N LYS A 500 19.05 27.85 4.10
CA LYS A 500 18.34 26.81 4.90
C LYS A 500 16.83 26.91 4.69
N ASP A 501 16.29 28.11 4.48
CA ASP A 501 14.83 28.31 4.28
C ASP A 501 14.37 27.37 3.17
N VAL A 502 15.16 27.21 2.13
CA VAL A 502 14.86 26.37 0.94
C VAL A 502 15.46 24.96 1.04
N MET A 503 16.69 24.81 1.53
CA MET A 503 17.38 23.50 1.48
C MET A 503 17.01 22.61 2.64
N VAL A 504 16.86 23.17 3.82
CA VAL A 504 16.60 22.42 5.07
C VAL A 504 15.11 22.35 5.37
N TYR A 505 14.44 23.48 5.28
CA TYR A 505 13.05 23.59 5.70
C TYR A 505 12.11 23.66 4.51
N GLY A 506 12.54 23.72 3.21
CA GLY A 506 11.66 23.94 2.08
C GLY A 506 10.78 22.73 1.78
N THR A 507 9.68 22.96 1.02
CA THR A 507 8.69 21.99 0.57
C THR A 507 9.20 21.47 -0.77
N LEU A 508 9.12 20.17 -1.00
CA LEU A 508 9.61 19.59 -2.25
C LEU A 508 8.43 19.22 -3.15
N GLU A 509 8.49 19.53 -4.44
CA GLU A 509 7.47 19.12 -5.41
C GLU A 509 8.22 18.50 -6.59
N VAL A 510 7.70 17.44 -7.19
CA VAL A 510 8.33 16.78 -8.34
C VAL A 510 7.79 17.39 -9.64
N LEU A 511 8.63 17.84 -10.55
CA LEU A 511 8.20 18.30 -11.88
C LEU A 511 8.60 17.24 -12.91
N ASP A 512 8.10 17.33 -14.15
CA ASP A 512 8.49 16.43 -15.27
C ASP A 512 8.57 14.96 -14.84
N LYS A 513 7.55 14.49 -14.16
CA LYS A 513 7.46 13.18 -13.48
C LYS A 513 7.84 11.98 -14.35
N GLU A 514 7.37 11.90 -15.59
CA GLU A 514 7.59 10.71 -16.44
C GLU A 514 9.00 10.64 -17.03
N ASN A 515 9.79 11.69 -16.98
CA ASN A 515 11.19 11.71 -17.51
C ASN A 515 11.98 10.57 -16.86
N THR A 516 12.45 9.59 -17.62
CA THR A 516 13.19 8.45 -17.05
C THR A 516 14.69 8.73 -16.94
N LYS A 517 15.18 9.84 -17.48
CA LYS A 517 16.63 10.16 -17.45
C LYS A 517 17.00 11.30 -16.48
N VAL A 518 16.13 12.29 -16.29
CA VAL A 518 16.42 13.48 -15.46
C VAL A 518 15.38 13.59 -14.33
N PHE A 519 15.80 13.75 -13.09
CA PHE A 519 14.95 14.01 -11.91
C PHE A 519 14.96 15.52 -11.69
N THR A 520 13.81 16.19 -11.78
CA THR A 520 13.63 17.62 -11.53
C THR A 520 12.69 17.81 -10.34
N PHE A 521 13.06 18.61 -9.34
CA PHE A 521 12.19 18.94 -8.19
C PHE A 521 12.43 20.38 -7.76
N THR A 522 11.45 21.00 -7.13
CA THR A 522 11.57 22.35 -6.61
C THR A 522 11.65 22.29 -5.08
N LYS A 523 12.32 23.24 -4.46
CA LYS A 523 12.41 23.41 -3.00
C LYS A 523 11.90 24.84 -2.75
N ALA A 524 10.82 25.02 -2.01
CA ALA A 524 10.17 26.33 -1.81
C ALA A 524 10.06 26.66 -0.32
N SER A 525 10.42 27.86 0.09
CA SER A 525 10.28 28.29 1.51
C SER A 525 8.95 29.01 1.66
N GLU A 526 8.41 29.14 2.87
CA GLU A 526 7.16 29.88 3.15
C GLU A 526 7.27 31.31 2.63
N SER A 527 8.43 31.97 2.75
CA SER A 527 8.74 33.31 2.21
C SER A 527 8.47 33.37 0.70
N GLY A 528 8.52 32.26 0.00
CA GLY A 528 8.20 32.18 -1.44
C GLY A 528 9.43 31.82 -2.25
N ARG A 529 10.63 32.15 -1.76
CA ARG A 529 11.92 31.85 -2.42
C ARG A 529 11.94 30.38 -2.88
N THR A 530 12.31 30.11 -4.12
CA THR A 530 12.20 28.76 -4.69
C THR A 530 13.43 28.39 -5.51
N PHE A 531 13.94 27.16 -5.35
CA PHE A 531 15.07 26.62 -6.11
C PHE A 531 14.54 25.48 -6.99
N LEU A 532 15.09 25.29 -8.18
CA LEU A 532 14.77 24.12 -9.02
C LEU A 532 16.05 23.27 -9.08
N VAL A 533 15.97 21.97 -8.87
CA VAL A 533 17.09 21.03 -8.85
C VAL A 533 16.84 19.99 -9.95
N ALA A 534 17.83 19.74 -10.82
CA ALA A 534 17.72 18.79 -11.94
C ALA A 534 18.97 17.90 -11.92
N LEU A 535 18.79 16.58 -11.94
CA LEU A 535 19.91 15.63 -11.89
C LEU A 535 19.82 14.67 -13.07
N ASN A 536 20.81 14.62 -13.94
CA ASN A 536 20.89 13.62 -15.02
C ASN A 536 21.61 12.40 -14.42
N PHE A 537 20.91 11.31 -14.13
CA PHE A 537 21.50 10.10 -13.57
C PHE A 537 22.15 9.20 -14.61
N THR A 538 22.02 9.50 -15.91
CA THR A 538 22.48 8.56 -16.92
C THR A 538 23.91 8.88 -17.37
N ASP A 539 24.42 8.01 -18.23
CA ASP A 539 25.77 8.10 -18.81
C ASP A 539 25.88 8.92 -20.09
N LYS A 540 24.80 9.55 -20.58
CA LYS A 540 24.83 10.32 -21.82
C LYS A 540 24.25 11.71 -21.61
N ALA A 541 24.71 12.67 -22.41
CA ALA A 541 24.11 14.01 -22.35
C ALA A 541 22.64 13.89 -22.73
N VAL A 542 21.79 14.67 -22.09
CA VAL A 542 20.33 14.62 -22.27
C VAL A 542 19.80 16.04 -22.52
N ASP A 543 18.97 16.26 -23.53
CA ASP A 543 18.38 17.59 -23.78
C ASP A 543 17.52 17.89 -22.56
N TYR A 544 17.63 19.10 -22.03
CA TYR A 544 16.89 19.51 -20.83
C TYR A 544 16.69 21.02 -20.93
N ASP A 545 15.48 21.52 -20.98
CA ASP A 545 15.18 22.96 -21.13
C ASP A 545 14.52 23.47 -19.85
N VAL A 546 15.27 24.14 -18.99
CA VAL A 546 14.77 24.66 -17.69
C VAL A 546 13.63 25.63 -17.99
N ASP A 547 13.64 26.36 -19.10
CA ASP A 547 12.54 27.28 -19.42
C ASP A 547 11.19 26.58 -19.57
N GLN A 548 11.18 25.27 -19.79
CA GLN A 548 9.90 24.56 -19.84
C GLN A 548 9.33 24.27 -18.45
N PHE A 549 10.11 24.44 -17.41
CA PHE A 549 9.70 24.16 -16.01
C PHE A 549 9.70 25.42 -15.14
N ALA A 550 10.22 26.56 -15.58
CA ALA A 550 10.35 27.80 -14.79
C ALA A 550 10.38 29.00 -15.74
N SER A 551 9.56 30.03 -15.52
CA SER A 551 9.47 31.23 -16.37
C SER A 551 10.81 31.94 -16.40
N LYS A 552 11.44 32.08 -15.25
CA LYS A 552 12.72 32.79 -15.08
C LYS A 552 13.62 31.95 -14.18
N SER A 553 14.91 31.84 -14.50
CA SER A 553 15.85 31.04 -13.71
C SER A 553 17.26 31.64 -13.82
N THR A 554 18.07 31.45 -12.80
CA THR A 554 19.48 31.87 -12.72
C THR A 554 20.27 30.67 -12.19
N LEU A 555 21.26 30.17 -12.90
CA LEU A 555 22.04 29.02 -12.45
C LEU A 555 22.82 29.43 -11.19
N LEU A 556 22.68 28.71 -10.07
CA LEU A 556 23.48 28.96 -8.85
C LEU A 556 24.70 28.06 -8.90
N LEU A 557 24.56 26.76 -9.16
CA LEU A 557 25.72 25.90 -9.23
C LEU A 557 25.40 24.62 -10.01
N SER A 558 26.44 24.05 -10.59
CA SER A 558 26.38 22.75 -11.28
C SER A 558 27.49 21.91 -10.67
N SER A 559 27.25 20.62 -10.52
CA SER A 559 28.21 19.65 -9.95
C SER A 559 29.41 19.48 -10.89
N ILE A 560 29.29 19.81 -12.17
CA ILE A 560 30.43 19.71 -13.13
C ILE A 560 31.14 21.06 -13.31
N GLY A 561 30.72 22.10 -12.61
CA GLY A 561 31.30 23.45 -12.72
C GLY A 561 30.40 24.31 -13.58
N ASN A 562 30.01 25.50 -13.15
CA ASN A 562 29.16 26.37 -13.95
C ASN A 562 29.71 26.62 -15.34
N VAL A 563 31.00 26.82 -15.50
CA VAL A 563 31.56 27.13 -16.85
C VAL A 563 31.43 25.93 -17.80
N HIS A 564 31.22 24.71 -17.31
CA HIS A 564 31.04 23.50 -18.14
C HIS A 564 29.56 23.20 -18.38
N HIS A 565 28.64 23.90 -17.72
CA HIS A 565 27.19 23.74 -17.93
C HIS A 565 26.83 24.29 -19.31
N LYS A 566 26.15 23.52 -20.15
CA LYS A 566 25.70 23.92 -21.49
C LYS A 566 24.19 24.16 -21.43
N SER A 567 23.70 25.35 -21.78
CA SER A 567 22.25 25.67 -21.83
C SER A 567 21.58 24.71 -22.80
N GLY A 568 20.44 24.14 -22.47
CA GLY A 568 19.71 23.23 -23.36
C GLY A 568 20.01 21.77 -23.09
N SER A 569 20.94 21.43 -22.21
CA SER A 569 21.24 20.01 -21.89
C SER A 569 21.85 19.82 -20.49
N LEU A 570 21.91 18.57 -20.07
CA LEU A 570 22.58 18.15 -18.82
C LEU A 570 23.60 17.10 -19.24
N GLN A 571 24.86 17.21 -18.83
CA GLN A 571 25.93 16.24 -19.14
C GLN A 571 25.77 14.96 -18.27
N PRO A 572 26.47 13.84 -18.57
CA PRO A 572 26.34 12.65 -17.73
C PRO A 572 26.65 12.95 -16.24
N LEU A 573 25.80 12.53 -15.33
CA LEU A 573 25.89 12.75 -13.86
C LEU A 573 26.13 14.24 -13.56
N GLU A 574 25.36 15.11 -14.19
CA GLU A 574 25.45 16.55 -13.91
C GLU A 574 24.22 16.92 -13.06
N ALA A 575 24.40 17.53 -11.90
CA ALA A 575 23.31 18.01 -11.05
C ALA A 575 23.41 19.54 -11.03
N VAL A 576 22.30 20.25 -11.14
CA VAL A 576 22.28 21.73 -11.21
C VAL A 576 21.25 22.27 -10.22
N ILE A 577 21.50 23.44 -9.65
CA ILE A 577 20.58 24.13 -8.74
C ILE A 577 20.36 25.50 -9.37
N PHE A 578 19.11 25.88 -9.66
CA PHE A 578 18.73 27.19 -10.20
C PHE A 578 17.84 27.92 -9.19
N GLU A 579 17.95 29.23 -9.09
CA GLU A 579 16.94 30.00 -8.34
C GLU A 579 15.88 30.36 -9.39
N ILE A 580 14.60 30.13 -9.14
CA ILE A 580 13.52 30.41 -10.14
C ILE A 580 12.50 31.41 -9.54
N HIS A 581 11.38 31.67 -10.25
CA HIS A 581 10.15 32.46 -9.94
C HIS A 581 10.31 33.89 -10.50
N GLU B 11 -11.95 14.93 14.49
CA GLU B 11 -13.41 15.06 14.20
C GLU B 11 -13.80 14.42 12.86
N ARG B 12 -12.88 13.72 12.17
CA ARG B 12 -13.09 12.91 10.93
C ARG B 12 -13.46 13.72 9.67
N ASN B 13 -12.53 13.97 8.75
CA ASN B 13 -12.85 14.68 7.47
C ASN B 13 -13.36 13.63 6.48
N THR B 14 -14.60 13.74 6.01
CA THR B 14 -15.23 12.74 5.12
C THR B 14 -15.49 13.23 3.71
N ALA B 15 -15.12 14.46 3.39
CA ALA B 15 -15.34 15.08 2.07
C ALA B 15 -14.81 14.17 0.97
N TRP B 16 -13.63 13.60 1.13
CA TRP B 16 -12.98 12.76 0.09
C TRP B 16 -13.89 11.62 -0.39
N TRP B 17 -14.58 10.89 0.48
CA TRP B 17 -15.43 9.77 -0.01
C TRP B 17 -16.77 10.28 -0.48
N ARG B 18 -17.19 11.45 -0.05
CA ARG B 18 -18.48 12.02 -0.48
C ARG B 18 -18.38 12.52 -1.92
N GLU B 19 -17.29 13.16 -2.30
CA GLU B 19 -17.17 13.74 -3.66
C GLU B 19 -16.24 12.90 -4.55
N GLY B 20 -15.65 11.85 -4.05
CA GLY B 20 -14.74 11.02 -4.86
C GLY B 20 -15.47 10.23 -5.94
N THR B 21 -14.79 9.95 -7.04
CA THR B 21 -15.26 9.11 -8.15
C THR B 21 -14.60 7.74 -7.92
N VAL B 22 -15.35 6.67 -7.86
CA VAL B 22 -14.78 5.33 -7.59
C VAL B 22 -14.71 4.57 -8.90
N TYR B 23 -13.59 3.96 -9.25
CA TYR B 23 -13.41 3.18 -10.48
C TYR B 23 -13.23 1.72 -10.06
N GLN B 24 -14.13 0.82 -10.44
CA GLN B 24 -14.07 -0.59 -10.00
C GLN B 24 -13.22 -1.40 -10.98
N VAL B 25 -12.19 -2.10 -10.51
CA VAL B 25 -11.31 -2.95 -11.33
C VAL B 25 -11.66 -4.43 -11.03
N TYR B 26 -11.84 -5.27 -12.05
CA TYR B 26 -12.08 -6.73 -11.95
C TYR B 26 -10.73 -7.36 -12.26
N PRO B 27 -9.96 -7.85 -11.28
CA PRO B 27 -8.57 -8.22 -11.50
C PRO B 27 -8.30 -9.16 -12.69
N SER B 28 -9.16 -10.14 -12.88
CA SER B 28 -8.99 -11.14 -13.95
C SER B 28 -9.28 -10.55 -15.33
N SER B 29 -9.94 -9.42 -15.44
CA SER B 29 -10.34 -8.91 -16.78
C SER B 29 -9.81 -7.52 -17.12
N PHE B 30 -8.98 -6.90 -16.30
CA PHE B 30 -8.48 -5.53 -16.57
C PHE B 30 -7.28 -5.58 -17.51
N LYS B 31 -6.16 -6.13 -17.11
CA LYS B 31 -4.97 -6.19 -17.95
C LYS B 31 -4.02 -7.34 -17.59
N ASP B 32 -3.69 -8.14 -18.59
CA ASP B 32 -2.76 -9.26 -18.44
C ASP B 32 -1.37 -8.79 -18.83
N SER B 33 -0.42 -8.93 -17.90
CA SER B 33 0.96 -8.49 -18.13
C SER B 33 1.89 -9.63 -18.54
N ASN B 34 1.45 -10.89 -18.48
CA ASN B 34 2.38 -12.00 -18.69
C ASN B 34 1.86 -13.12 -19.60
N GLY B 35 0.81 -12.88 -20.38
CA GLY B 35 0.48 -13.70 -21.52
C GLY B 35 -0.28 -14.97 -21.25
N ASP B 36 -0.71 -15.24 -20.02
CA ASP B 36 -1.45 -16.44 -19.69
C ASP B 36 -2.97 -16.28 -19.84
N GLY B 37 -3.42 -15.10 -20.29
CA GLY B 37 -4.83 -14.79 -20.58
C GLY B 37 -5.65 -14.43 -19.36
N ILE B 38 -5.02 -14.27 -18.20
CA ILE B 38 -5.69 -13.95 -16.91
C ILE B 38 -5.14 -12.59 -16.53
N GLY B 39 -5.97 -11.58 -16.12
CA GLY B 39 -5.47 -10.24 -15.76
C GLY B 39 -4.70 -10.32 -14.44
N ASP B 40 -3.84 -9.36 -14.14
CA ASP B 40 -3.03 -9.48 -12.93
C ASP B 40 -2.65 -8.12 -12.37
N ILE B 41 -2.03 -8.16 -11.18
CA ILE B 41 -1.80 -6.95 -10.41
C ILE B 41 -0.74 -6.11 -11.13
N PRO B 42 0.35 -6.70 -11.65
CA PRO B 42 1.26 -5.87 -12.46
C PRO B 42 0.54 -5.19 -13.61
N GLY B 43 -0.44 -5.88 -14.21
CA GLY B 43 -1.22 -5.26 -15.26
C GLY B 43 -2.00 -4.05 -14.76
N ILE B 44 -2.62 -4.16 -13.59
CA ILE B 44 -3.32 -3.03 -13.00
C ILE B 44 -2.35 -1.88 -12.75
N ILE B 45 -1.21 -2.18 -12.13
CA ILE B 45 -0.23 -1.16 -11.84
C ILE B 45 0.15 -0.39 -13.09
N SER B 46 0.33 -1.11 -14.21
CA SER B 46 0.73 -0.48 -15.45
C SER B 46 -0.35 0.43 -16.01
N LYS B 47 -1.57 0.33 -15.53
CA LYS B 47 -2.69 1.11 -16.03
C LYS B 47 -3.24 2.08 -14.98
N LEU B 48 -2.49 2.33 -13.90
CA LEU B 48 -2.98 3.26 -12.89
C LEU B 48 -3.00 4.70 -13.40
N ASP B 49 -2.02 5.10 -14.22
CA ASP B 49 -2.09 6.44 -14.81
C ASP B 49 -3.34 6.59 -15.69
N TYR B 50 -3.70 5.53 -16.41
CA TYR B 50 -4.90 5.66 -17.23
C TYR B 50 -6.13 5.82 -16.34
N ILE B 51 -6.20 5.04 -15.25
CA ILE B 51 -7.35 5.12 -14.35
C ILE B 51 -7.48 6.53 -13.78
N LYS B 52 -6.39 7.12 -13.32
CA LYS B 52 -6.38 8.51 -12.79
C LYS B 52 -6.85 9.47 -13.89
N SER B 53 -6.40 9.25 -15.12
CA SER B 53 -6.72 10.09 -16.29
C SER B 53 -8.23 10.10 -16.57
N VAL B 54 -9.00 9.13 -16.09
CA VAL B 54 -10.44 9.17 -16.28
C VAL B 54 -11.10 10.21 -15.38
N GLY B 55 -10.47 10.59 -14.27
CA GLY B 55 -11.08 11.42 -13.22
C GLY B 55 -11.24 10.64 -11.93
N THR B 56 -10.84 9.38 -11.88
CA THR B 56 -10.97 8.50 -10.71
C THR B 56 -10.26 9.06 -9.47
N ASP B 57 -10.91 9.05 -8.32
CA ASP B 57 -10.25 9.38 -7.05
C ASP B 57 -9.92 8.10 -6.29
N ILE B 58 -10.84 7.13 -6.27
CA ILE B 58 -10.74 5.87 -5.49
C ILE B 58 -10.81 4.67 -6.43
N VAL B 59 -10.01 3.64 -6.20
CA VAL B 59 -10.00 2.38 -7.00
C VAL B 59 -10.63 1.30 -6.13
N TRP B 60 -11.71 0.66 -6.54
CA TRP B 60 -12.33 -0.46 -5.78
C TRP B 60 -11.79 -1.74 -6.41
N LEU B 61 -10.82 -2.40 -5.80
CA LEU B 61 -10.27 -3.67 -6.32
C LEU B 61 -11.24 -4.80 -5.95
N SER B 62 -11.69 -5.60 -6.91
CA SER B 62 -12.54 -6.79 -6.68
C SER B 62 -11.66 -7.90 -6.09
N PRO B 63 -12.22 -8.94 -5.44
CA PRO B 63 -11.48 -10.00 -4.75
C PRO B 63 -10.20 -10.51 -5.42
N HIS B 64 -9.07 -10.36 -4.76
CA HIS B 64 -7.75 -10.76 -5.26
C HIS B 64 -7.07 -11.75 -4.31
N TYR B 65 -7.78 -12.23 -3.29
CA TYR B 65 -7.24 -13.14 -2.27
C TYR B 65 -7.25 -14.57 -2.80
N LYS B 66 -6.52 -15.45 -2.11
CA LYS B 66 -6.42 -16.88 -2.45
C LYS B 66 -7.84 -17.42 -2.60
N SER B 67 -8.13 -18.15 -3.68
CA SER B 67 -9.50 -18.59 -3.97
C SER B 67 -9.47 -19.65 -5.06
N PRO B 68 -10.25 -20.72 -4.92
CA PRO B 68 -10.35 -21.68 -6.05
C PRO B 68 -11.11 -21.11 -7.25
N GLN B 69 -11.67 -19.92 -7.20
CA GLN B 69 -12.29 -19.16 -8.32
C GLN B 69 -13.60 -19.81 -8.77
N VAL B 70 -14.27 -20.54 -7.89
CA VAL B 70 -15.61 -21.13 -8.20
C VAL B 70 -16.53 -19.97 -8.56
N ASP B 71 -16.43 -18.90 -7.78
CA ASP B 71 -17.22 -17.65 -7.90
C ASP B 71 -16.26 -16.49 -8.13
N MET B 72 -15.26 -16.71 -8.97
CA MET B 72 -14.24 -15.73 -9.38
C MET B 72 -13.77 -14.81 -8.25
N GLY B 73 -13.28 -15.38 -7.16
CA GLY B 73 -12.64 -14.64 -6.06
C GLY B 73 -13.52 -14.40 -4.85
N TYR B 74 -14.83 -14.50 -4.99
CA TYR B 74 -15.75 -14.33 -3.85
C TYR B 74 -15.81 -15.60 -3.00
N ASP B 75 -15.11 -16.69 -3.36
CA ASP B 75 -15.00 -17.90 -2.51
C ASP B 75 -13.58 -17.83 -2.00
N ILE B 76 -13.32 -17.20 -0.88
CA ILE B 76 -11.95 -16.92 -0.35
C ILE B 76 -11.42 -18.01 0.57
N SER B 77 -10.30 -18.64 0.30
CA SER B 77 -9.72 -19.73 1.09
C SER B 77 -8.66 -19.22 2.07
N ASP B 78 -8.15 -17.99 1.94
CA ASP B 78 -7.20 -17.44 2.93
C ASP B 78 -7.19 -15.93 2.70
N TYR B 79 -7.74 -15.16 3.64
CA TYR B 79 -7.86 -13.68 3.56
C TYR B 79 -6.50 -13.01 3.58
N LYS B 80 -5.44 -13.63 4.10
CA LYS B 80 -4.10 -13.03 4.19
C LYS B 80 -3.17 -13.48 3.07
N ALA B 81 -3.66 -14.10 2.02
CA ALA B 81 -2.83 -14.54 0.89
C ALA B 81 -3.45 -14.05 -0.41
N ILE B 82 -2.68 -14.05 -1.49
CA ILE B 82 -3.08 -13.52 -2.78
C ILE B 82 -3.22 -14.64 -3.81
N HIS B 83 -4.26 -14.55 -4.66
CA HIS B 83 -4.53 -15.48 -5.77
C HIS B 83 -3.29 -15.44 -6.65
N GLU B 84 -2.50 -16.53 -6.74
CA GLU B 84 -1.19 -16.59 -7.43
C GLU B 84 -1.21 -16.00 -8.86
N PRO B 85 -2.14 -16.31 -9.79
CA PRO B 85 -2.14 -15.71 -11.12
C PRO B 85 -2.11 -14.17 -11.13
N TYR B 86 -2.70 -13.56 -10.11
CA TYR B 86 -2.83 -12.10 -9.93
C TYR B 86 -1.50 -11.52 -9.44
N GLY B 87 -0.67 -12.27 -8.73
CA GLY B 87 0.62 -11.78 -8.29
C GLY B 87 0.95 -12.29 -6.91
N THR B 88 2.08 -11.82 -6.37
CA THR B 88 2.55 -12.21 -5.05
C THR B 88 1.98 -11.29 -3.97
N PHE B 89 2.25 -11.64 -2.71
CA PHE B 89 1.90 -10.82 -1.53
C PHE B 89 2.53 -9.46 -1.72
N ASP B 90 3.78 -9.39 -2.16
CA ASP B 90 4.43 -8.09 -2.30
C ASP B 90 3.84 -7.29 -3.46
N ASP B 91 3.33 -7.97 -4.51
CA ASP B 91 2.66 -7.27 -5.59
C ASP B 91 1.48 -6.46 -5.07
N CYS B 92 0.71 -7.04 -4.15
CA CYS B 92 -0.45 -6.34 -3.61
C CYS B 92 -0.04 -5.15 -2.73
N ILE B 93 1.01 -5.32 -1.95
CA ILE B 93 1.53 -4.24 -1.08
C ILE B 93 2.05 -3.13 -2.00
N LYS B 94 2.70 -3.50 -3.09
CA LYS B 94 3.25 -2.58 -4.10
C LYS B 94 2.10 -1.80 -4.72
N LEU B 95 1.00 -2.49 -5.04
CA LEU B 95 -0.21 -1.88 -5.64
C LEU B 95 -0.75 -0.76 -4.73
N ILE B 96 -0.80 -0.97 -3.42
CA ILE B 96 -1.32 0.04 -2.47
C ILE B 96 -0.43 1.29 -2.55
N GLN B 97 0.89 1.10 -2.60
CA GLN B 97 1.88 2.20 -2.65
C GLN B 97 1.81 2.92 -4.00
N GLU B 98 1.69 2.20 -5.11
CA GLU B 98 1.60 2.79 -6.47
C GLU B 98 0.37 3.70 -6.56
N CYS B 99 -0.74 3.32 -5.94
CA CYS B 99 -1.97 4.12 -5.90
C CYS B 99 -1.72 5.41 -5.11
N HIS B 100 -1.23 5.31 -3.89
CA HIS B 100 -0.95 6.45 -2.99
C HIS B 100 0.03 7.42 -3.65
N ASP B 101 1.04 6.91 -4.34
CA ASP B 101 2.07 7.70 -5.05
C ASP B 101 1.45 8.50 -6.20
N ARG B 102 0.29 8.11 -6.72
CA ARG B 102 -0.41 8.82 -7.77
C ARG B 102 -1.62 9.58 -7.24
N GLY B 103 -1.72 9.74 -5.94
CA GLY B 103 -2.84 10.44 -5.31
C GLY B 103 -4.14 9.68 -5.43
N LEU B 104 -4.10 8.37 -5.56
CA LEU B 104 -5.32 7.55 -5.62
C LEU B 104 -5.52 6.79 -4.32
N LYS B 105 -6.75 6.63 -3.86
CA LYS B 105 -7.11 5.73 -2.77
C LYS B 105 -7.51 4.37 -3.35
N ILE B 106 -7.47 3.34 -2.51
CA ILE B 106 -7.84 1.97 -2.93
C ILE B 106 -8.67 1.31 -1.82
N ILE B 107 -9.81 0.72 -2.14
CA ILE B 107 -10.62 -0.04 -1.17
C ILE B 107 -10.60 -1.49 -1.65
N PHE B 108 -10.53 -2.45 -0.73
CA PHE B 108 -10.55 -3.90 -1.01
C PHE B 108 -11.99 -4.40 -0.84
N ASP B 109 -12.27 -5.61 -1.27
CA ASP B 109 -13.62 -6.21 -1.17
C ASP B 109 -13.68 -7.05 0.11
N LEU B 110 -14.56 -6.73 1.06
CA LEU B 110 -14.72 -7.51 2.32
C LEU B 110 -15.80 -8.58 2.10
N VAL B 111 -15.42 -9.84 1.92
CA VAL B 111 -16.35 -10.98 1.69
C VAL B 111 -16.32 -11.85 2.93
N VAL B 112 -17.22 -11.64 3.89
CA VAL B 112 -17.22 -12.41 5.16
C VAL B 112 -18.57 -13.06 5.49
N ASN B 113 -19.52 -13.14 4.58
CA ASN B 113 -20.79 -13.86 4.84
C ASN B 113 -20.48 -15.34 4.76
N HIS B 114 -19.52 -15.71 3.91
CA HIS B 114 -19.09 -17.08 3.66
C HIS B 114 -17.61 -17.09 3.30
N THR B 115 -16.99 -18.23 3.43
CA THR B 115 -15.60 -18.45 2.98
C THR B 115 -15.66 -19.52 1.89
N SER B 116 -14.53 -19.89 1.35
CA SER B 116 -14.49 -21.02 0.43
C SER B 116 -14.66 -22.28 1.28
N ASP B 117 -15.01 -23.38 0.63
CA ASP B 117 -15.00 -24.71 1.27
C ASP B 117 -13.53 -25.15 1.38
N GLN B 118 -12.59 -24.55 0.65
CA GLN B 118 -11.15 -24.90 0.70
C GLN B 118 -10.44 -24.10 1.79
N HIS B 119 -11.12 -23.20 2.50
CA HIS B 119 -10.55 -22.40 3.61
C HIS B 119 -10.21 -23.36 4.76
N GLU B 120 -9.05 -23.24 5.40
CA GLU B 120 -8.58 -24.10 6.50
C GLU B 120 -9.71 -24.22 7.54
N TRP B 121 -10.23 -23.10 8.00
CA TRP B 121 -11.38 -23.00 8.92
C TRP B 121 -12.45 -24.03 8.53
N PHE B 122 -12.96 -24.02 7.31
CA PHE B 122 -14.02 -24.97 6.90
C PHE B 122 -13.49 -26.39 6.93
N LYS B 123 -12.30 -26.59 6.41
CA LYS B 123 -11.67 -27.94 6.32
C LYS B 123 -11.72 -28.61 7.70
N GLN B 124 -11.48 -27.81 8.72
CA GLN B 124 -11.53 -28.22 10.13
C GLN B 124 -12.99 -28.37 10.53
N SER B 125 -13.81 -27.34 10.37
CA SER B 125 -15.25 -27.34 10.73
C SER B 125 -15.98 -28.60 10.27
N ARG B 126 -15.78 -29.02 9.03
CA ARG B 126 -16.48 -30.17 8.44
C ARG B 126 -15.85 -31.52 8.82
N SER B 127 -14.65 -31.53 9.38
CA SER B 127 -13.90 -32.77 9.69
C SER B 127 -14.69 -33.65 10.65
N SER B 128 -15.33 -33.10 11.68
CA SER B 128 -16.06 -33.86 12.71
C SER B 128 -17.05 -32.94 13.43
N LYS B 129 -18.01 -33.52 14.15
CA LYS B 129 -19.03 -32.77 14.92
C LYS B 129 -18.39 -32.20 16.19
N SER B 130 -17.29 -32.78 16.65
CA SER B 130 -16.59 -32.37 17.89
C SER B 130 -15.44 -31.39 17.60
N ASN B 131 -15.07 -31.18 16.34
CA ASN B 131 -14.00 -30.23 15.93
C ASN B 131 -14.22 -28.84 16.56
N ALA B 132 -13.16 -28.18 17.00
CA ALA B 132 -13.21 -26.87 17.70
C ALA B 132 -13.89 -25.77 16.87
N LYS B 133 -13.81 -25.82 15.54
CA LYS B 133 -14.41 -24.82 14.63
C LYS B 133 -15.69 -25.37 13.97
N ARG B 134 -16.29 -26.45 14.50
CA ARG B 134 -17.55 -27.01 13.96
C ARG B 134 -18.63 -25.94 13.94
N ASP B 135 -18.74 -25.15 15.01
CA ASP B 135 -19.81 -24.14 15.13
C ASP B 135 -19.47 -22.82 14.41
N TRP B 136 -18.34 -22.72 13.73
CA TRP B 136 -17.93 -21.55 12.92
C TRP B 136 -18.78 -21.50 11.65
N TYR B 137 -19.34 -22.62 11.22
CA TYR B 137 -20.23 -22.66 10.04
C TYR B 137 -21.62 -23.09 10.53
N ILE B 138 -22.59 -23.18 9.64
CA ILE B 138 -24.00 -23.48 10.04
C ILE B 138 -24.36 -24.92 9.68
N TRP B 139 -24.27 -25.85 10.63
CA TRP B 139 -24.60 -27.28 10.43
C TRP B 139 -25.95 -27.57 11.07
N LYS B 140 -26.87 -28.24 10.37
CA LYS B 140 -28.18 -28.59 10.93
C LYS B 140 -28.48 -30.05 10.53
N PRO B 141 -29.13 -30.87 11.36
CA PRO B 141 -29.42 -32.24 10.97
C PRO B 141 -30.53 -32.31 9.91
N ALA B 142 -30.67 -33.46 9.26
CA ALA B 142 -31.65 -33.70 8.19
C ALA B 142 -33.09 -33.78 8.72
N LYS B 143 -34.04 -33.68 7.80
CA LYS B 143 -35.49 -33.89 8.02
C LYS B 143 -35.92 -34.97 7.01
N TYR B 144 -37.10 -35.57 7.18
CA TYR B 144 -37.53 -36.69 6.30
C TYR B 144 -38.88 -36.33 5.65
N ASP B 145 -39.14 -36.84 4.46
CA ASP B 145 -40.36 -36.58 3.65
C ASP B 145 -41.43 -37.63 4.00
N GLU B 146 -42.57 -37.62 3.28
CA GLU B 146 -43.78 -38.51 3.38
C GLU B 146 -43.45 -39.99 3.29
N GLN B 147 -42.37 -40.37 2.61
CA GLN B 147 -41.76 -41.73 2.57
C GLN B 147 -40.79 -41.78 3.77
N GLY B 148 -39.54 -42.20 3.66
CA GLY B 148 -38.64 -42.01 4.81
C GLY B 148 -37.35 -41.45 4.29
N ASN B 149 -37.43 -40.69 3.20
CA ASN B 149 -36.23 -40.17 2.49
C ASN B 149 -35.76 -38.87 3.13
N ARG B 150 -34.45 -38.64 3.23
CA ARG B 150 -33.86 -37.46 3.89
C ARG B 150 -34.00 -36.24 2.96
N ILE B 151 -34.29 -35.07 3.51
CA ILE B 151 -34.49 -33.79 2.77
C ILE B 151 -33.93 -32.64 3.61
N PRO B 152 -33.61 -31.44 3.07
CA PRO B 152 -33.03 -30.36 3.88
C PRO B 152 -33.84 -29.82 5.06
N PRO B 153 -33.29 -29.08 6.04
CA PRO B 153 -34.07 -28.60 7.18
C PRO B 153 -35.16 -27.56 6.88
N ASN B 154 -35.10 -26.91 5.72
CA ASN B 154 -36.13 -25.94 5.26
C ASN B 154 -36.10 -25.90 3.73
N ASN B 155 -36.95 -25.11 3.12
CA ASN B 155 -37.05 -25.02 1.64
C ASN B 155 -36.21 -23.87 1.04
N TRP B 156 -35.22 -23.30 1.74
CA TRP B 156 -34.39 -22.19 1.20
C TRP B 156 -33.71 -22.60 -0.11
N GLU B 157 -33.68 -21.72 -1.11
CA GLU B 157 -33.01 -21.90 -2.41
C GLU B 157 -31.74 -21.06 -2.38
N SER B 158 -30.62 -21.55 -2.90
CA SER B 158 -29.40 -20.71 -2.95
C SER B 158 -29.60 -19.67 -4.07
N TYR B 159 -28.92 -18.54 -3.98
CA TYR B 159 -28.97 -17.43 -4.98
C TYR B 159 -28.55 -17.94 -6.37
N PHE B 160 -27.66 -18.93 -6.48
CA PHE B 160 -27.19 -19.52 -7.76
C PHE B 160 -27.98 -20.79 -8.15
N GLY B 161 -29.11 -21.10 -7.53
CA GLY B 161 -29.95 -22.24 -7.94
C GLY B 161 -29.73 -23.47 -7.08
N GLY B 162 -30.73 -24.36 -7.01
CA GLY B 162 -30.68 -25.57 -6.18
C GLY B 162 -31.02 -25.25 -4.74
N SER B 163 -30.82 -26.18 -3.83
CA SER B 163 -31.09 -25.97 -2.39
C SER B 163 -29.96 -25.14 -1.82
N ALA B 164 -30.19 -24.56 -0.65
CA ALA B 164 -29.24 -23.75 0.14
C ALA B 164 -28.59 -24.57 1.27
N TRP B 165 -28.70 -25.90 1.24
CA TRP B 165 -28.10 -26.83 2.21
C TRP B 165 -27.42 -27.95 1.43
N GLU B 166 -26.15 -28.23 1.69
CA GLU B 166 -25.40 -29.31 1.00
C GLU B 166 -25.18 -30.43 2.02
N TRP B 167 -25.37 -31.68 1.62
CA TRP B 167 -25.25 -32.85 2.53
C TRP B 167 -23.80 -33.25 2.74
N ASP B 168 -23.32 -33.38 3.98
CA ASP B 168 -21.94 -33.88 4.24
C ASP B 168 -22.07 -35.34 4.73
N GLU B 169 -21.77 -36.32 3.89
CA GLU B 169 -21.84 -37.78 4.18
C GLU B 169 -21.06 -38.12 5.44
N GLU B 170 -19.85 -37.59 5.59
CA GLU B 170 -18.91 -37.91 6.67
C GLU B 170 -19.47 -37.54 8.05
N THR B 171 -20.01 -36.34 8.26
CA THR B 171 -20.54 -35.93 9.58
C THR B 171 -22.06 -36.03 9.64
N GLN B 172 -22.69 -36.63 8.63
CA GLN B 172 -24.16 -36.87 8.60
C GLN B 172 -24.96 -35.62 8.92
N GLU B 173 -24.60 -34.46 8.39
CA GLU B 173 -25.33 -33.19 8.62
C GLU B 173 -25.31 -32.31 7.36
N TYR B 174 -26.24 -31.38 7.28
CA TYR B 174 -26.37 -30.39 6.19
C TYR B 174 -25.65 -29.09 6.60
N TYR B 175 -24.91 -28.45 5.69
CA TYR B 175 -24.33 -27.11 5.95
C TYR B 175 -25.00 -26.07 5.06
N LEU B 176 -25.27 -24.87 5.58
CA LEU B 176 -25.94 -23.78 4.84
C LEU B 176 -24.97 -23.14 3.84
N HIS B 177 -25.45 -22.84 2.63
CA HIS B 177 -24.69 -22.18 1.56
C HIS B 177 -25.67 -21.33 0.73
N LEU B 178 -25.80 -20.04 1.05
CA LEU B 178 -26.63 -19.08 0.29
C LEU B 178 -26.11 -18.92 -1.14
N PHE B 179 -24.81 -19.04 -1.38
CA PHE B 179 -24.20 -18.88 -2.72
C PHE B 179 -23.87 -20.28 -3.28
N ALA B 180 -22.74 -20.56 -3.91
CA ALA B 180 -22.46 -21.92 -4.43
C ALA B 180 -22.20 -22.90 -3.27
N LYS B 181 -22.19 -24.20 -3.55
CA LYS B 181 -21.96 -25.26 -2.54
C LYS B 181 -20.53 -25.13 -1.99
N GLU B 182 -19.59 -24.53 -2.74
CA GLU B 182 -18.21 -24.27 -2.28
C GLU B 182 -18.11 -22.98 -1.46
N GLN B 183 -19.19 -22.27 -1.17
CA GLN B 183 -19.18 -21.05 -0.32
C GLN B 183 -20.04 -21.33 0.92
N PRO B 184 -19.59 -22.11 1.91
CA PRO B 184 -20.41 -22.33 3.08
C PRO B 184 -20.51 -21.05 3.91
N ASP B 185 -21.69 -20.73 4.43
CA ASP B 185 -21.94 -19.51 5.22
C ASP B 185 -21.26 -19.60 6.59
N ILE B 186 -20.90 -18.46 7.15
CA ILE B 186 -20.27 -18.38 8.48
C ILE B 186 -21.40 -18.30 9.51
N ASN B 187 -21.19 -18.86 10.69
CA ASN B 187 -22.13 -18.82 11.82
C ASN B 187 -21.72 -17.59 12.62
N TRP B 188 -22.37 -16.45 12.40
CA TRP B 188 -22.05 -15.14 13.03
C TRP B 188 -22.50 -15.10 14.49
N ARG B 189 -23.25 -16.10 14.96
CA ARG B 189 -23.59 -16.28 16.38
C ARG B 189 -22.32 -16.73 17.11
N ASN B 190 -21.42 -17.45 16.43
CA ASN B 190 -20.15 -17.93 17.03
C ASN B 190 -19.19 -16.74 17.20
N LEU B 191 -18.86 -16.35 18.42
CA LEU B 191 -17.99 -15.18 18.69
C LEU B 191 -16.53 -15.48 18.37
N GLN B 192 -16.10 -16.73 18.43
CA GLN B 192 -14.73 -17.06 18.05
C GLN B 192 -14.55 -16.92 16.55
N ALA B 193 -15.60 -17.23 15.79
CA ALA B 193 -15.56 -17.00 14.36
C ALA B 193 -15.43 -15.52 14.08
N ARG B 194 -16.16 -14.69 14.80
CA ARG B 194 -16.13 -13.23 14.62
C ARG B 194 -14.71 -12.72 14.77
N GLU B 195 -14.02 -13.08 15.84
CA GLU B 195 -12.71 -12.53 16.16
C GLU B 195 -11.68 -12.90 15.10
N ALA B 196 -11.76 -14.13 14.57
CA ALA B 196 -10.84 -14.51 13.50
C ALA B 196 -11.12 -13.71 12.22
N ILE B 197 -12.37 -13.49 11.91
CA ILE B 197 -12.75 -12.70 10.71
C ILE B 197 -12.28 -11.25 10.91
N TYR B 198 -12.47 -10.67 12.08
CA TYR B 198 -12.04 -9.29 12.37
C TYR B 198 -10.52 -9.17 12.24
N LYS B 199 -9.80 -10.23 12.56
CA LYS B 199 -8.33 -10.22 12.55
C LYS B 199 -7.75 -10.46 11.16
N ASP B 200 -8.22 -11.46 10.44
CA ASP B 200 -7.65 -11.89 9.14
C ASP B 200 -8.22 -11.06 7.98
N ALA B 201 -9.52 -10.87 7.92
CA ALA B 201 -10.19 -10.21 6.78
C ALA B 201 -10.25 -8.69 6.91
N ILE B 202 -10.25 -8.13 8.11
CA ILE B 202 -10.43 -6.65 8.27
C ILE B 202 -9.16 -5.95 8.77
N LEU B 203 -8.76 -6.18 10.01
CA LEU B 203 -7.63 -5.46 10.65
C LEU B 203 -6.32 -5.74 9.93
N PHE B 204 -6.09 -6.94 9.43
CA PHE B 204 -4.86 -7.27 8.69
C PHE B 204 -4.68 -6.30 7.52
N TRP B 205 -5.74 -6.02 6.76
CA TRP B 205 -5.71 -5.14 5.57
C TRP B 205 -5.72 -3.68 5.94
N LEU B 206 -6.42 -3.28 6.99
CA LEU B 206 -6.42 -1.88 7.45
C LEU B 206 -5.01 -1.51 7.94
N ASP B 207 -4.28 -2.45 8.53
CA ASP B 207 -2.90 -2.29 9.04
C ASP B 207 -1.89 -2.19 7.89
N ARG B 208 -2.26 -2.60 6.67
CA ARG B 208 -1.46 -2.46 5.43
C ARG B 208 -1.81 -1.14 4.73
N GLY B 209 -2.64 -0.27 5.27
CA GLY B 209 -2.82 1.08 4.73
C GLY B 209 -3.83 1.21 3.62
N ILE B 210 -4.82 0.36 3.49
CA ILE B 210 -5.86 0.52 2.45
C ILE B 210 -6.83 1.61 2.92
N ASP B 211 -7.65 2.11 2.03
CA ASP B 211 -8.48 3.26 2.35
C ASP B 211 -9.93 2.90 2.61
N GLY B 212 -10.23 1.60 2.76
CA GLY B 212 -11.57 1.15 3.12
C GLY B 212 -11.99 -0.13 2.45
N PHE B 213 -13.28 -0.39 2.46
CA PHE B 213 -13.84 -1.63 1.90
C PHE B 213 -15.19 -1.42 1.21
N ARG B 214 -15.43 -2.19 0.17
CA ARG B 214 -16.77 -2.39 -0.38
C ARG B 214 -17.19 -3.68 0.33
N ILE B 215 -18.26 -3.68 1.11
CA ILE B 215 -18.67 -4.82 1.95
C ILE B 215 -19.69 -5.70 1.22
N ASP B 216 -19.28 -6.87 0.72
CA ASP B 216 -20.13 -7.87 0.05
C ASP B 216 -21.32 -8.28 0.92
N THR B 217 -22.53 -8.40 0.35
CA THR B 217 -23.77 -8.90 1.00
C THR B 217 -23.88 -8.42 2.43
N VAL B 218 -23.86 -7.11 2.64
CA VAL B 218 -23.80 -6.43 3.96
C VAL B 218 -25.03 -6.68 4.84
N GLN B 219 -26.17 -7.08 4.29
CA GLN B 219 -27.42 -7.24 5.08
C GLN B 219 -27.67 -8.66 5.61
N ILE B 220 -27.05 -9.69 5.07
CA ILE B 220 -27.43 -11.12 5.34
C ILE B 220 -26.55 -11.86 6.37
N TYR B 221 -25.63 -11.21 7.09
CA TYR B 221 -24.72 -11.90 8.03
C TYR B 221 -25.49 -12.73 9.08
N SER B 222 -26.54 -12.18 9.67
CA SER B 222 -27.34 -12.75 10.78
C SER B 222 -28.55 -13.54 10.27
N LYS B 223 -28.61 -14.86 10.46
CA LYS B 223 -29.75 -15.70 10.04
C LYS B 223 -30.69 -15.91 11.22
N PRO B 224 -32.00 -16.18 11.03
CA PRO B 224 -32.90 -16.36 12.16
C PRO B 224 -32.52 -17.67 12.88
N GLU B 225 -32.41 -17.65 14.21
CA GLU B 225 -31.97 -18.80 15.06
C GLU B 225 -32.74 -20.10 14.75
N ASP B 226 -34.04 -20.04 14.47
CA ASP B 226 -34.90 -21.21 14.23
C ASP B 226 -34.92 -21.63 12.76
N PHE B 227 -34.32 -20.87 11.86
CA PHE B 227 -34.24 -21.16 10.41
C PHE B 227 -35.60 -21.63 9.85
N PRO B 228 -36.69 -20.85 9.85
CA PRO B 228 -38.01 -21.25 9.29
C PRO B 228 -38.06 -21.22 7.77
N ASP B 229 -39.16 -21.65 7.12
CA ASP B 229 -39.17 -21.76 5.64
C ASP B 229 -39.31 -20.37 5.00
N ALA B 230 -38.92 -20.23 3.74
CA ALA B 230 -39.03 -18.97 2.95
C ALA B 230 -40.42 -18.89 2.28
N PRO B 231 -41.26 -17.86 2.54
CA PRO B 231 -42.60 -17.74 1.94
C PRO B 231 -42.77 -17.97 0.43
N GLU B 232 -43.94 -18.44 -0.01
CA GLU B 232 -44.18 -18.70 -1.45
C GLU B 232 -44.02 -17.35 -2.16
N ARG B 233 -42.87 -17.10 -2.76
CA ARG B 233 -42.62 -15.84 -3.50
C ARG B 233 -42.73 -16.09 -5.01
N VAL B 234 -42.53 -17.32 -5.49
CA VAL B 234 -42.56 -17.62 -6.95
C VAL B 234 -43.39 -18.88 -7.20
N PRO B 235 -44.75 -18.83 -7.09
CA PRO B 235 -45.63 -19.99 -7.32
C PRO B 235 -45.24 -20.93 -8.46
N GLY B 236 -45.21 -22.25 -8.21
CA GLY B 236 -44.84 -23.26 -9.21
C GLY B 236 -43.80 -24.23 -8.68
N GLN B 237 -42.75 -23.73 -8.03
CA GLN B 237 -41.58 -24.54 -7.56
C GLN B 237 -41.48 -24.62 -6.04
N LYS B 238 -40.78 -25.66 -5.58
CA LYS B 238 -40.61 -26.09 -4.17
C LYS B 238 -39.59 -25.25 -3.39
N LEU B 239 -38.40 -24.97 -3.94
CA LEU B 239 -37.40 -24.16 -3.20
C LEU B 239 -37.76 -22.69 -3.37
N GLN B 240 -37.65 -21.87 -2.33
CA GLN B 240 -37.92 -20.43 -2.41
C GLN B 240 -36.67 -19.67 -1.97
N ASN B 241 -36.32 -18.56 -2.63
CA ASN B 241 -35.17 -17.70 -2.27
C ASN B 241 -35.42 -17.09 -0.89
N PRO B 242 -34.50 -17.16 0.09
CA PRO B 242 -34.75 -16.61 1.42
C PRO B 242 -34.31 -15.19 1.77
N SER B 243 -34.03 -14.34 0.77
CA SER B 243 -33.58 -12.94 0.92
C SER B 243 -34.35 -12.22 2.03
N ILE B 244 -35.66 -12.25 1.93
CA ILE B 244 -36.60 -11.50 2.82
C ILE B 244 -36.48 -11.88 4.28
N ILE B 245 -36.04 -13.09 4.64
CA ILE B 245 -35.91 -13.45 6.08
C ILE B 245 -34.46 -13.30 6.57
N VAL B 246 -33.48 -13.44 5.70
CA VAL B 246 -32.04 -13.33 6.10
C VAL B 246 -31.58 -11.86 6.08
N GLU B 247 -32.30 -10.97 5.41
CA GLU B 247 -31.90 -9.54 5.28
C GLU B 247 -32.15 -8.80 6.59
N THR B 248 -31.15 -8.16 7.17
CA THR B 248 -31.26 -7.43 8.45
C THR B 248 -31.83 -8.37 9.51
N GLY B 249 -31.03 -9.36 9.89
CA GLY B 249 -31.32 -10.38 10.92
C GLY B 249 -31.15 -9.86 12.33
N PRO B 250 -31.46 -10.64 13.40
CA PRO B 250 -31.36 -10.10 14.76
C PRO B 250 -30.01 -9.56 15.22
N GLN B 251 -28.89 -10.06 14.71
CA GLN B 251 -27.55 -9.54 15.10
C GLN B 251 -26.89 -8.69 14.01
N LEU B 252 -27.56 -8.38 12.91
CA LEU B 252 -26.93 -7.65 11.77
C LEU B 252 -26.32 -6.32 12.24
N HIS B 253 -27.12 -5.39 12.75
CA HIS B 253 -26.63 -4.06 13.19
C HIS B 253 -25.60 -4.27 14.30
N GLU B 254 -25.85 -5.21 15.22
CA GLU B 254 -24.92 -5.52 16.31
C GLU B 254 -23.53 -5.78 15.71
N ILE B 255 -23.45 -6.60 14.67
CA ILE B 255 -22.20 -6.98 13.98
C ILE B 255 -21.57 -5.76 13.33
N LEU B 256 -22.32 -4.98 12.54
CA LEU B 256 -21.81 -3.76 11.85
C LEU B 256 -21.21 -2.80 12.89
N GLN B 257 -21.90 -2.60 14.01
CA GLN B 257 -21.43 -1.72 15.11
C GLN B 257 -20.12 -2.26 15.68
N GLU B 258 -19.97 -3.56 15.77
CA GLU B 258 -18.75 -4.21 16.30
C GLU B 258 -17.60 -3.97 15.33
N MET B 259 -17.86 -4.13 14.04
CA MET B 259 -16.87 -3.88 12.98
C MET B 259 -16.44 -2.43 13.09
N ASN B 260 -17.39 -1.53 13.27
CA ASN B 260 -17.10 -0.09 13.40
C ASN B 260 -16.21 0.17 14.61
N ARG B 261 -16.64 -0.25 15.80
CA ARG B 261 -15.93 -0.01 17.08
C ARG B 261 -14.53 -0.60 17.03
N LYS B 262 -14.38 -1.83 16.58
CA LYS B 262 -13.08 -2.54 16.62
C LYS B 262 -12.17 -2.17 15.44
N ALA B 263 -12.72 -1.78 14.28
CA ALA B 263 -11.87 -1.56 13.08
C ALA B 263 -12.16 -0.26 12.32
N PHE B 264 -13.32 -0.11 11.69
CA PHE B 264 -13.56 1.04 10.79
C PHE B 264 -13.29 2.39 11.45
N SER B 265 -13.69 2.58 12.70
CA SER B 265 -13.57 3.87 13.42
C SER B 265 -12.12 4.30 13.66
N LYS B 266 -11.15 3.39 13.61
CA LYS B 266 -9.74 3.74 13.96
C LYS B 266 -8.92 4.18 12.75
N TYR B 267 -9.47 4.23 11.54
CA TYR B 267 -8.70 4.58 10.36
C TYR B 267 -9.53 5.54 9.53
N ASP B 268 -8.88 6.49 8.85
CA ASP B 268 -9.53 7.44 7.90
C ASP B 268 -9.88 6.65 6.66
N ILE B 269 -11.02 5.98 6.67
CA ILE B 269 -11.46 5.08 5.59
C ILE B 269 -12.91 5.37 5.22
N MET B 270 -13.37 4.77 4.14
CA MET B 270 -14.76 4.78 3.67
C MET B 270 -15.25 3.34 3.65
N THR B 271 -16.54 3.14 3.79
CA THR B 271 -17.16 1.81 3.74
C THR B 271 -18.45 1.92 2.93
N VAL B 272 -18.57 1.20 1.83
CA VAL B 272 -19.82 1.15 1.05
C VAL B 272 -20.28 -0.29 1.13
N GLY B 273 -21.53 -0.65 1.55
CA GLY B 273 -22.14 -1.97 1.64
C GLY B 273 -23.09 -2.25 0.48
N GLU B 274 -23.19 -3.53 -0.01
CA GLU B 274 -23.95 -4.04 -1.15
C GLU B 274 -25.32 -4.53 -0.69
N GLY B 275 -26.41 -4.01 -1.23
CA GLY B 275 -27.76 -4.37 -0.82
C GLY B 275 -28.26 -3.37 0.19
N SER B 276 -29.49 -2.90 0.04
CA SER B 276 -30.06 -1.90 0.96
C SER B 276 -31.46 -2.33 1.35
N PRO B 277 -32.00 -1.98 2.53
CA PRO B 277 -33.40 -2.20 2.79
C PRO B 277 -34.31 -1.39 1.84
N PRO B 278 -35.59 -1.72 1.72
CA PRO B 278 -36.44 -1.01 0.79
C PRO B 278 -36.99 0.33 1.30
N SER B 279 -36.78 0.68 2.56
CA SER B 279 -37.31 1.92 3.17
C SER B 279 -36.18 2.82 3.67
N LEU B 280 -36.51 4.09 3.85
CA LEU B 280 -35.60 5.13 4.38
C LEU B 280 -35.24 4.83 5.82
N GLU B 281 -36.21 4.59 6.71
CA GLU B 281 -35.94 4.35 8.14
C GLU B 281 -34.91 3.23 8.28
N LYS B 282 -35.16 2.11 7.64
CA LYS B 282 -34.31 0.91 7.73
C LYS B 282 -32.93 1.19 7.12
N THR B 283 -32.88 1.85 5.96
CA THR B 283 -31.62 2.20 5.25
C THR B 283 -30.75 3.07 6.15
N LEU B 284 -31.36 4.02 6.84
CA LEU B 284 -30.67 4.96 7.75
C LEU B 284 -30.08 4.20 8.94
N GLU B 285 -30.62 3.08 9.38
CA GLU B 285 -30.01 2.33 10.50
C GLU B 285 -28.58 1.91 10.10
N TYR B 286 -28.34 1.76 8.82
CA TYR B 286 -27.02 1.38 8.29
C TYR B 286 -26.13 2.59 8.02
N VAL B 287 -26.66 3.70 7.52
CA VAL B 287 -25.82 4.76 6.97
C VAL B 287 -25.94 6.09 7.69
N SER B 288 -26.91 6.28 8.57
CA SER B 288 -26.98 7.52 9.34
C SER B 288 -25.66 7.73 10.07
N SER B 289 -25.08 8.94 10.01
CA SER B 289 -23.80 9.26 10.67
C SER B 289 -23.91 8.92 12.15
N SER B 290 -25.09 9.17 12.74
CA SER B 290 -25.32 8.96 14.18
C SER B 290 -25.26 7.48 14.58
N ARG B 291 -25.47 6.55 13.64
CA ARG B 291 -25.49 5.10 13.90
C ARG B 291 -24.10 4.51 14.02
N HIS B 292 -23.08 5.18 13.50
CA HIS B 292 -21.68 4.70 13.54
C HIS B 292 -21.60 3.25 13.06
N GLU B 293 -22.10 2.97 11.87
CA GLU B 293 -22.04 1.62 11.27
C GLU B 293 -21.26 1.72 9.96
N ILE B 294 -21.87 2.04 8.82
CA ILE B 294 -21.12 2.16 7.55
C ILE B 294 -21.48 3.50 6.90
N ASP B 295 -20.74 3.88 5.88
CA ASP B 295 -20.87 5.23 5.27
C ASP B 295 -21.96 5.32 4.21
N MET B 296 -22.17 4.31 3.40
CA MET B 296 -23.18 4.37 2.31
C MET B 296 -23.53 2.97 1.83
N LEU B 297 -24.58 2.84 1.03
CA LEU B 297 -25.06 1.55 0.54
C LEU B 297 -25.28 1.58 -0.98
N PHE B 298 -24.99 0.48 -1.66
CA PHE B 298 -25.44 0.27 -3.04
C PHE B 298 -26.85 -0.32 -2.97
N SER B 299 -27.84 0.25 -3.65
CA SER B 299 -29.17 -0.37 -3.73
C SER B 299 -29.35 -1.14 -5.05
N PHE B 300 -30.01 -2.28 -5.05
CA PHE B 300 -30.32 -3.09 -6.25
C PHE B 300 -31.57 -2.59 -6.99
N ASP B 301 -32.32 -1.65 -6.45
CA ASP B 301 -33.58 -1.18 -7.05
C ASP B 301 -33.45 -0.80 -8.51
N PHE B 302 -32.59 0.15 -8.86
CA PHE B 302 -32.46 0.67 -10.23
C PHE B 302 -32.16 -0.50 -11.15
N GLY B 303 -31.22 -1.38 -10.75
CA GLY B 303 -30.76 -2.56 -11.49
C GLY B 303 -31.86 -3.55 -11.83
N ALA B 304 -32.94 -3.56 -11.05
CA ALA B 304 -34.10 -4.45 -11.20
C ALA B 304 -35.21 -3.85 -12.07
N LEU B 305 -35.03 -2.68 -12.68
CA LEU B 305 -36.12 -2.06 -13.46
C LEU B 305 -36.37 -2.81 -14.77
N ASP B 306 -35.42 -3.58 -15.30
CA ASP B 306 -35.62 -4.22 -16.62
C ASP B 306 -35.73 -5.75 -16.55
N HIS B 307 -35.78 -6.36 -15.36
CA HIS B 307 -35.89 -7.83 -15.20
C HIS B 307 -36.20 -8.21 -13.76
N ARG B 308 -36.75 -9.42 -13.57
CA ARG B 308 -37.05 -10.05 -12.26
C ARG B 308 -36.26 -11.36 -12.21
N GLU B 309 -35.06 -11.38 -11.61
CA GLU B 309 -34.14 -12.54 -11.59
C GLU B 309 -34.79 -13.76 -10.92
N ILE B 310 -35.62 -13.54 -9.90
CA ILE B 310 -36.32 -14.66 -9.21
C ILE B 310 -37.13 -15.44 -10.24
N ALA B 311 -37.73 -14.77 -11.23
CA ALA B 311 -38.60 -15.38 -12.25
C ALA B 311 -37.93 -15.40 -13.63
N HIS B 312 -36.61 -15.18 -13.68
CA HIS B 312 -35.79 -15.07 -14.90
C HIS B 312 -36.56 -14.51 -16.10
N THR B 313 -37.22 -13.36 -15.96
CA THR B 313 -37.98 -12.71 -17.05
C THR B 313 -37.45 -11.30 -17.35
N LEU B 314 -37.42 -10.90 -18.62
CA LEU B 314 -37.06 -9.53 -19.05
C LEU B 314 -38.36 -8.74 -19.18
N ASN B 315 -38.28 -7.43 -19.04
CA ASN B 315 -39.47 -6.56 -19.16
C ASN B 315 -39.03 -5.15 -19.52
N ASP B 316 -39.94 -4.36 -20.09
CA ASP B 316 -39.69 -2.96 -20.37
C ASP B 316 -39.63 -2.18 -19.06
N ILE B 317 -38.88 -1.09 -19.07
CA ILE B 317 -38.72 -0.25 -17.85
C ILE B 317 -39.96 0.62 -17.75
N ASP B 318 -40.67 0.60 -16.62
CA ASP B 318 -41.80 1.50 -16.37
C ASP B 318 -41.16 2.83 -15.99
N MET B 319 -41.15 3.82 -16.88
CA MET B 319 -40.51 5.13 -16.66
C MET B 319 -40.93 5.77 -15.33
N VAL B 320 -42.18 5.61 -14.90
CA VAL B 320 -42.63 6.23 -13.63
C VAL B 320 -41.92 5.58 -12.45
N GLU B 321 -41.70 4.27 -12.50
CA GLU B 321 -41.10 3.50 -11.38
C GLU B 321 -39.63 3.88 -11.28
N MET B 322 -39.03 4.10 -12.42
CA MET B 322 -37.62 4.53 -12.53
C MET B 322 -37.44 5.85 -11.77
N LYS B 323 -38.33 6.81 -11.96
CA LYS B 323 -38.24 8.13 -11.31
C LYS B 323 -38.39 7.97 -9.80
N GLU B 324 -39.33 7.15 -9.35
CA GLU B 324 -39.57 6.95 -7.90
C GLU B 324 -38.34 6.28 -7.28
N THR B 325 -37.74 5.34 -8.02
CA THR B 325 -36.54 4.59 -7.62
C THR B 325 -35.37 5.58 -7.47
N VAL B 326 -35.23 6.50 -8.43
CA VAL B 326 -34.12 7.49 -8.38
C VAL B 326 -34.34 8.38 -7.16
N TYR B 327 -35.53 8.91 -7.00
CA TYR B 327 -35.89 9.82 -5.91
C TYR B 327 -35.77 9.15 -4.54
N ARG B 328 -36.13 7.86 -4.45
CA ARG B 328 -36.16 7.07 -3.21
C ARG B 328 -34.85 7.21 -2.45
N TRP B 329 -33.71 7.02 -3.11
CA TRP B 329 -32.37 7.01 -2.47
C TRP B 329 -31.66 8.35 -2.60
N GLN B 330 -32.01 9.22 -3.54
CA GLN B 330 -31.42 10.58 -3.70
C GLN B 330 -31.91 11.44 -2.53
N ARG B 331 -33.12 11.15 -2.01
CA ARG B 331 -33.79 11.69 -0.80
C ARG B 331 -32.88 11.75 0.44
N LEU B 332 -31.94 10.83 0.60
CA LEU B 332 -30.95 10.78 1.68
C LEU B 332 -30.05 12.02 1.67
N VAL B 333 -29.75 12.58 0.52
CA VAL B 333 -28.77 13.71 0.43
C VAL B 333 -29.46 15.05 0.75
N GLY B 334 -29.01 15.79 1.76
CA GLY B 334 -29.52 17.10 2.14
C GLY B 334 -30.50 17.01 3.29
N LYS B 335 -31.46 16.09 3.25
CA LYS B 335 -32.52 16.00 4.27
C LYS B 335 -32.18 15.08 5.43
N THR B 336 -31.04 14.40 5.46
CA THR B 336 -30.67 13.48 6.57
C THR B 336 -29.18 13.63 6.92
N ASP B 337 -28.68 12.84 7.90
CA ASP B 337 -27.26 12.67 8.16
C ASP B 337 -26.71 11.39 7.52
N GLY B 338 -27.40 10.83 6.53
CA GLY B 338 -26.92 9.67 5.79
C GLY B 338 -26.19 10.04 4.50
N TRP B 339 -25.96 9.05 3.66
CA TRP B 339 -25.29 9.23 2.35
C TRP B 339 -25.83 8.10 1.46
N THR B 340 -25.59 8.22 0.18
CA THR B 340 -26.09 7.26 -0.78
C THR B 340 -25.06 7.08 -1.88
N THR B 341 -25.39 6.26 -2.87
CA THR B 341 -24.51 5.96 -3.99
C THR B 341 -25.33 5.98 -5.27
N PHE B 342 -24.64 6.04 -6.39
CA PHE B 342 -25.29 5.85 -7.71
C PHE B 342 -24.29 5.15 -8.63
N PHE B 343 -24.75 4.14 -9.37
CA PHE B 343 -23.95 3.32 -10.29
C PHE B 343 -24.92 2.71 -11.30
N LEU B 344 -24.46 2.49 -12.52
CA LEU B 344 -25.25 1.78 -13.56
C LEU B 344 -24.61 0.44 -13.89
N GLU B 345 -23.35 0.20 -13.55
CA GLU B 345 -22.59 -1.01 -13.92
C GLU B 345 -21.76 -1.50 -12.73
N ASN B 346 -21.37 -2.77 -12.79
CA ASN B 346 -20.53 -3.51 -11.83
C ASN B 346 -20.30 -4.92 -12.41
N HIS B 347 -19.51 -5.74 -11.72
CA HIS B 347 -19.14 -7.12 -12.12
C HIS B 347 -20.31 -8.12 -12.08
N ASP B 348 -21.45 -7.79 -11.49
CA ASP B 348 -22.65 -8.66 -11.43
C ASP B 348 -23.76 -8.17 -12.35
N SER B 349 -23.48 -7.28 -13.27
CA SER B 349 -24.52 -6.66 -14.12
C SER B 349 -24.17 -6.66 -15.60
N GLY B 350 -25.17 -6.40 -16.43
CA GLY B 350 -25.00 -6.15 -17.86
C GLY B 350 -24.46 -4.74 -18.10
N ARG B 351 -24.07 -4.42 -19.33
CA ARG B 351 -23.50 -3.14 -19.75
C ARG B 351 -24.70 -2.20 -19.86
N SER B 352 -24.52 -0.95 -19.44
CA SER B 352 -25.63 -0.01 -19.30
C SER B 352 -26.17 0.48 -20.64
N ILE B 353 -25.32 0.70 -21.63
CA ILE B 353 -25.82 1.22 -22.93
C ILE B 353 -26.74 0.15 -23.55
N SER B 354 -26.44 -1.12 -23.35
CA SER B 354 -27.25 -2.24 -23.88
C SER B 354 -28.60 -2.32 -23.18
N ARG B 355 -28.68 -1.99 -21.91
CA ARG B 355 -29.91 -2.13 -21.10
C ARG B 355 -30.75 -0.87 -21.06
N PHE B 356 -30.17 0.31 -20.92
CA PHE B 356 -30.93 1.54 -20.69
C PHE B 356 -30.84 2.52 -21.85
N ALA B 357 -30.25 2.12 -22.97
CA ALA B 357 -30.11 3.05 -24.09
C ALA B 357 -29.97 2.25 -25.38
N SER B 358 -29.11 2.68 -26.29
CA SER B 358 -29.01 1.97 -27.56
C SER B 358 -27.55 1.70 -27.94
N ASP B 359 -27.23 0.45 -28.34
CA ASP B 359 -25.87 0.01 -28.68
C ASP B 359 -25.81 -0.47 -30.14
N ALA B 360 -26.75 -0.07 -30.98
CA ALA B 360 -26.84 -0.67 -32.31
C ALA B 360 -25.64 -0.30 -33.19
N THR B 361 -25.15 0.94 -33.08
CA THR B 361 -24.15 1.47 -33.98
C THR B 361 -23.10 2.31 -33.25
N PRO B 362 -22.02 2.69 -33.92
CA PRO B 362 -21.03 3.54 -33.24
C PRO B 362 -21.63 4.83 -32.73
N GLU B 363 -22.45 5.49 -33.57
CA GLU B 363 -23.12 6.74 -33.19
C GLU B 363 -24.05 6.51 -32.02
N ALA B 364 -24.79 5.40 -32.03
CA ALA B 364 -25.73 5.11 -30.95
C ALA B 364 -25.00 4.84 -29.64
N ARG B 365 -23.91 4.10 -29.69
CA ARG B 365 -23.10 3.75 -28.50
C ARG B 365 -22.55 5.04 -27.91
N ASN B 366 -21.97 5.91 -28.74
CA ASN B 366 -21.37 7.15 -28.29
C ASN B 366 -22.42 8.05 -27.68
N ARG B 367 -23.54 8.23 -28.41
CA ARG B 367 -24.67 8.99 -27.89
C ARG B 367 -25.13 8.43 -26.55
N SER B 368 -25.28 7.10 -26.47
CA SER B 368 -25.81 6.49 -25.26
C SER B 368 -24.88 6.68 -24.08
N THR B 369 -23.57 6.50 -24.29
CA THR B 369 -22.61 6.64 -23.19
C THR B 369 -22.63 8.05 -22.61
N LYS B 370 -22.76 9.08 -23.45
CA LYS B 370 -22.81 10.44 -22.96
C LYS B 370 -24.12 10.68 -22.21
N PHE B 371 -25.21 10.20 -22.79
CA PHE B 371 -26.55 10.31 -22.20
C PHE B 371 -26.50 9.78 -20.76
N LEU B 372 -25.94 8.60 -20.55
CA LEU B 372 -25.92 7.99 -19.22
C LEU B 372 -24.88 8.66 -18.30
N ALA B 373 -23.83 9.20 -18.88
CA ALA B 373 -22.78 9.91 -18.11
C ALA B 373 -23.45 11.11 -17.45
N VAL B 374 -24.35 11.78 -18.15
CA VAL B 374 -25.10 12.95 -17.63
C VAL B 374 -25.99 12.48 -16.48
N LEU B 375 -26.71 11.38 -16.67
CA LEU B 375 -27.59 10.82 -15.63
C LEU B 375 -26.75 10.58 -14.38
N GLN B 376 -25.61 9.90 -14.49
CA GLN B 376 -24.78 9.58 -13.32
C GLN B 376 -24.08 10.82 -12.74
N ALA B 377 -23.60 11.76 -13.55
CA ALA B 377 -22.83 12.92 -13.08
C ALA B 377 -23.72 13.86 -12.26
N THR B 378 -25.01 13.92 -12.56
CA THR B 378 -25.99 14.81 -11.87
C THR B 378 -26.62 14.12 -10.65
N MET B 379 -26.31 12.86 -10.37
CA MET B 379 -26.88 12.19 -9.18
C MET B 379 -26.03 12.53 -7.96
N SER B 380 -26.64 12.91 -6.85
CA SER B 380 -25.96 13.15 -5.56
C SER B 380 -25.45 11.81 -4.97
N GLY B 381 -24.62 11.85 -3.97
CA GLY B 381 -23.98 10.66 -3.45
C GLY B 381 -22.66 10.38 -4.14
N THR B 382 -21.97 9.30 -3.73
CA THR B 382 -20.66 8.89 -4.24
C THR B 382 -20.91 8.25 -5.61
N LEU B 383 -20.17 8.63 -6.64
CA LEU B 383 -20.31 8.16 -8.01
C LEU B 383 -19.40 6.97 -8.27
N TYR B 384 -19.92 5.92 -8.88
CA TYR B 384 -19.16 4.68 -9.07
C TYR B 384 -19.17 4.36 -10.57
N LEU B 385 -18.00 4.16 -11.15
CA LEU B 385 -17.75 3.76 -12.53
C LEU B 385 -17.27 2.31 -12.56
N TYR B 386 -17.59 1.57 -13.62
CA TYR B 386 -17.12 0.17 -13.79
C TYR B 386 -16.15 0.15 -14.96
N GLN B 387 -15.08 -0.64 -14.91
CA GLN B 387 -14.06 -0.73 -15.96
C GLN B 387 -14.73 -0.95 -17.32
N GLY B 388 -14.50 -0.08 -18.31
CA GLY B 388 -15.08 -0.19 -19.65
C GLY B 388 -16.34 0.62 -19.85
N GLN B 389 -16.97 1.13 -18.80
CA GLN B 389 -18.19 1.95 -18.91
C GLN B 389 -17.82 3.27 -19.58
N GLU B 390 -16.64 3.80 -19.29
CA GLU B 390 -16.17 5.09 -19.83
C GLU B 390 -15.95 5.01 -21.34
N ILE B 391 -15.67 3.84 -21.93
CA ILE B 391 -15.49 3.71 -23.40
C ILE B 391 -16.75 3.14 -24.07
N GLY B 392 -17.76 2.75 -23.33
CA GLY B 392 -18.99 2.23 -23.92
C GLY B 392 -18.91 0.76 -24.35
N ILE B 393 -18.33 -0.11 -23.53
CA ILE B 393 -18.32 -1.57 -23.80
C ILE B 393 -19.78 -2.02 -23.74
N PRO B 394 -20.38 -2.61 -24.79
CA PRO B 394 -21.75 -3.05 -24.75
C PRO B 394 -21.82 -4.51 -24.30
N ASN B 395 -23.00 -5.10 -24.38
CA ASN B 395 -23.22 -6.53 -24.05
C ASN B 395 -22.65 -7.42 -25.14
N LEU B 396 -22.35 -8.67 -24.80
CA LEU B 396 -21.91 -9.68 -25.79
C LEU B 396 -23.07 -9.82 -26.79
N PRO B 397 -22.86 -9.73 -28.11
CA PRO B 397 -23.95 -9.80 -29.06
C PRO B 397 -24.55 -11.22 -29.24
N ASP B 398 -25.70 -11.31 -29.92
CA ASP B 398 -26.51 -12.53 -30.14
C ASP B 398 -25.71 -13.67 -30.76
N GLU B 399 -24.66 -13.39 -31.55
CA GLU B 399 -23.78 -14.39 -32.22
C GLU B 399 -22.75 -15.04 -31.28
N VAL B 400 -22.64 -14.57 -30.05
CA VAL B 400 -21.67 -15.15 -29.09
C VAL B 400 -22.34 -16.37 -28.47
N PRO B 401 -21.84 -17.60 -28.65
CA PRO B 401 -22.45 -18.77 -28.06
C PRO B 401 -22.61 -18.74 -26.54
N ILE B 402 -23.53 -19.54 -26.04
CA ILE B 402 -23.85 -19.67 -24.59
C ILE B 402 -22.72 -20.35 -23.82
N GLU B 403 -21.82 -21.04 -24.49
CA GLU B 403 -20.66 -21.73 -23.88
C GLU B 403 -19.61 -20.70 -23.45
N GLU B 404 -19.63 -19.51 -24.06
CA GLU B 404 -18.67 -18.43 -23.76
C GLU B 404 -19.02 -17.76 -22.43
N TYR B 405 -20.25 -17.89 -21.96
CA TYR B 405 -20.73 -17.38 -20.66
C TYR B 405 -20.23 -18.31 -19.56
N LYS B 406 -19.00 -18.13 -19.10
CA LYS B 406 -18.34 -18.97 -18.08
C LYS B 406 -18.84 -18.73 -16.66
N ASP B 407 -19.65 -17.72 -16.39
CA ASP B 407 -20.14 -17.45 -15.02
C ASP B 407 -20.92 -18.64 -14.45
N VAL B 408 -20.56 -19.12 -13.26
CA VAL B 408 -21.25 -20.25 -12.58
C VAL B 408 -22.75 -19.97 -12.52
N ASN B 409 -23.21 -18.76 -12.17
CA ASN B 409 -24.68 -18.49 -12.11
C ASN B 409 -25.26 -18.59 -13.51
N SER B 410 -24.56 -18.20 -14.55
CA SER B 410 -25.04 -18.30 -15.94
C SER B 410 -25.22 -19.78 -16.26
N ILE B 411 -24.13 -20.54 -16.18
CA ILE B 411 -24.08 -21.99 -16.49
C ILE B 411 -25.19 -22.70 -15.72
N ASN B 412 -25.24 -22.52 -14.42
CA ASN B 412 -26.25 -23.12 -13.51
C ASN B 412 -27.63 -22.89 -14.11
N TYR B 413 -28.06 -21.65 -14.27
CA TYR B 413 -29.40 -21.29 -14.79
C TYR B 413 -29.69 -21.95 -16.14
N TYR B 414 -28.81 -21.85 -17.11
CA TYR B 414 -29.00 -22.46 -18.45
C TYR B 414 -29.12 -23.97 -18.30
N ASN B 415 -28.35 -24.57 -17.38
CA ASN B 415 -28.33 -26.02 -17.10
C ASN B 415 -29.66 -26.46 -16.53
N ALA B 416 -30.28 -25.60 -15.73
CA ALA B 416 -31.58 -25.84 -15.10
C ALA B 416 -32.65 -26.03 -16.18
N VAL B 417 -32.78 -25.10 -17.13
CA VAL B 417 -33.80 -25.21 -18.22
C VAL B 417 -33.39 -26.30 -19.20
N LYS B 418 -32.11 -26.65 -19.28
CA LYS B 418 -31.61 -27.74 -20.15
C LYS B 418 -32.16 -29.07 -19.61
N GLU B 419 -32.31 -29.19 -18.30
CA GLU B 419 -32.83 -30.40 -17.64
C GLU B 419 -34.35 -30.42 -17.75
N ASP B 420 -35.05 -29.45 -17.16
CA ASP B 420 -36.54 -29.36 -17.05
C ASP B 420 -37.29 -29.38 -18.37
N THR B 421 -36.68 -29.10 -19.51
CA THR B 421 -37.37 -29.10 -20.82
C THR B 421 -36.66 -29.99 -21.84
N LYS B 422 -35.68 -30.79 -21.42
CA LYS B 422 -34.82 -31.66 -22.26
C LYS B 422 -34.49 -30.96 -23.57
N ASN B 423 -33.72 -29.87 -23.48
CA ASN B 423 -33.24 -29.10 -24.66
C ASN B 423 -34.40 -28.65 -25.55
N ASP B 424 -35.52 -28.24 -24.97
CA ASP B 424 -36.62 -27.64 -25.76
C ASP B 424 -36.01 -26.46 -26.51
N PRO B 425 -35.81 -26.43 -27.86
CA PRO B 425 -35.14 -25.27 -28.47
C PRO B 425 -35.74 -23.87 -28.20
N ASP B 426 -37.04 -23.77 -27.95
CA ASP B 426 -37.68 -22.46 -27.66
C ASP B 426 -37.22 -22.01 -26.29
N ALA B 427 -37.44 -22.82 -25.27
CA ALA B 427 -37.04 -22.55 -23.87
C ALA B 427 -35.57 -22.12 -23.84
N LEU B 428 -34.69 -22.90 -24.46
CA LEU B 428 -33.26 -22.61 -24.54
C LEU B 428 -33.08 -21.21 -25.15
N LYS B 429 -33.68 -20.96 -26.32
CA LYS B 429 -33.62 -19.65 -27.01
C LYS B 429 -34.01 -18.53 -26.05
N LYS B 430 -35.09 -18.68 -25.31
CA LYS B 430 -35.54 -17.63 -24.38
C LYS B 430 -34.48 -17.45 -23.29
N ALA B 431 -34.02 -18.54 -22.66
CA ALA B 431 -33.03 -18.48 -21.58
C ALA B 431 -31.80 -17.72 -22.06
N LYS B 432 -31.32 -18.03 -23.25
CA LYS B 432 -30.13 -17.36 -23.82
C LYS B 432 -30.45 -15.88 -23.98
N LYS B 433 -31.64 -15.55 -24.45
CA LYS B 433 -32.05 -14.15 -24.63
C LYS B 433 -31.97 -13.46 -23.27
N TYR B 434 -32.53 -14.04 -22.22
CA TYR B 434 -32.50 -13.44 -20.87
C TYR B 434 -31.05 -13.21 -20.47
N LEU B 435 -30.19 -14.18 -20.70
CA LEU B 435 -28.77 -14.09 -20.30
C LEU B 435 -28.08 -13.05 -21.18
N GLN B 436 -28.47 -12.84 -22.43
CA GLN B 436 -27.87 -11.85 -23.35
C GLN B 436 -28.13 -10.41 -22.92
N LYS B 437 -29.13 -10.15 -22.09
CA LYS B 437 -29.43 -8.81 -21.57
C LYS B 437 -28.85 -8.58 -20.17
N VAL B 438 -29.00 -9.50 -19.22
CA VAL B 438 -28.66 -9.22 -17.80
C VAL B 438 -27.69 -10.20 -17.14
N ALA B 439 -26.88 -10.98 -17.85
CA ALA B 439 -25.92 -11.90 -17.22
C ALA B 439 -24.75 -11.11 -16.65
N ARG B 440 -24.00 -11.74 -15.76
CA ARG B 440 -22.81 -11.14 -15.13
C ARG B 440 -21.67 -11.16 -16.16
N ASP B 441 -21.70 -12.03 -17.17
CA ASP B 441 -20.61 -12.23 -18.16
C ASP B 441 -20.33 -10.98 -19.00
N HIS B 442 -21.30 -10.14 -19.30
CA HIS B 442 -21.07 -8.94 -20.12
C HIS B 442 -20.08 -7.98 -19.47
N ALA B 443 -19.94 -8.07 -18.15
CA ALA B 443 -19.04 -7.21 -17.34
C ALA B 443 -17.67 -7.84 -17.17
N ARG B 444 -17.51 -9.12 -17.47
CA ARG B 444 -16.28 -9.92 -17.25
C ARG B 444 -15.49 -10.13 -18.53
N SER B 445 -16.05 -9.85 -19.70
CA SER B 445 -15.30 -9.87 -20.98
C SER B 445 -14.12 -8.91 -20.82
N PRO B 446 -12.86 -9.28 -21.10
CA PRO B 446 -11.73 -8.38 -20.89
C PRO B 446 -11.85 -6.92 -21.38
N MET B 447 -11.18 -6.02 -20.67
CA MET B 447 -11.11 -4.57 -20.94
C MET B 447 -10.57 -4.34 -22.35
N GLN B 448 -11.10 -3.40 -23.11
CA GLN B 448 -10.72 -3.19 -24.52
C GLN B 448 -9.75 -2.01 -24.66
N TRP B 449 -8.45 -2.25 -24.78
CA TRP B 449 -7.41 -1.19 -24.80
C TRP B 449 -7.10 -0.62 -26.19
N ASP B 450 -7.03 -1.43 -27.24
CA ASP B 450 -6.66 -0.97 -28.60
C ASP B 450 -7.31 -1.89 -29.65
N ALA B 451 -6.90 -1.82 -30.92
CA ALA B 451 -7.46 -2.63 -32.03
C ALA B 451 -6.61 -3.86 -32.34
N SER B 452 -5.64 -4.22 -31.49
CA SER B 452 -4.76 -5.42 -31.59
C SER B 452 -5.53 -6.68 -31.24
N LYS B 453 -4.87 -7.82 -31.43
CA LYS B 453 -5.34 -9.16 -31.03
C LYS B 453 -5.93 -9.06 -29.60
N HIS B 454 -7.19 -9.42 -29.40
CA HIS B 454 -7.91 -9.39 -28.11
C HIS B 454 -7.84 -8.00 -27.46
N SER B 455 -7.99 -6.99 -28.31
CA SER B 455 -8.02 -5.56 -27.95
C SER B 455 -6.83 -5.18 -27.07
N GLY B 456 -5.68 -5.83 -27.22
CA GLY B 456 -4.48 -5.57 -26.42
C GLY B 456 -4.61 -5.97 -24.96
N PHE B 457 -5.57 -6.78 -24.57
CA PHE B 457 -5.74 -7.20 -23.18
C PHE B 457 -4.66 -8.21 -22.84
N THR B 458 -4.32 -9.07 -23.80
CA THR B 458 -3.33 -10.10 -23.62
C THR B 458 -2.69 -10.44 -24.95
N ASP B 459 -1.43 -10.94 -24.89
CA ASP B 459 -0.79 -11.57 -26.03
C ASP B 459 -1.13 -13.06 -26.15
N GLY B 460 -1.70 -13.66 -25.11
CA GLY B 460 -1.99 -15.08 -25.15
C GLY B 460 -3.45 -15.31 -25.44
N GLU B 461 -4.10 -16.25 -24.74
CA GLU B 461 -5.50 -16.60 -24.96
C GLU B 461 -6.34 -16.18 -23.75
N PRO B 462 -7.31 -15.24 -23.81
CA PRO B 462 -8.00 -14.82 -22.63
C PRO B 462 -8.85 -15.92 -22.03
N TRP B 463 -9.09 -15.85 -20.72
CA TRP B 463 -9.88 -16.80 -19.93
C TRP B 463 -11.38 -16.68 -20.27
N MET B 464 -11.78 -15.55 -20.84
CA MET B 464 -13.16 -15.17 -21.20
C MET B 464 -13.04 -14.45 -22.54
N ILE B 465 -14.00 -14.60 -23.46
CA ILE B 465 -13.81 -13.96 -24.79
C ILE B 465 -13.86 -12.44 -24.67
N VAL B 466 -13.13 -11.74 -25.53
CA VAL B 466 -13.20 -10.27 -25.62
C VAL B 466 -14.44 -9.98 -26.43
N ASN B 467 -15.25 -9.00 -26.08
CA ASN B 467 -16.47 -8.64 -26.83
C ASN B 467 -16.07 -8.46 -28.30
N PRO B 468 -16.74 -9.09 -29.29
CA PRO B 468 -16.33 -9.03 -30.71
C PRO B 468 -16.47 -7.68 -31.45
N ILE B 469 -17.04 -6.67 -30.78
CA ILE B 469 -17.12 -5.24 -31.22
C ILE B 469 -15.85 -4.48 -30.87
N TYR B 470 -14.86 -5.07 -30.18
CA TYR B 470 -13.58 -4.44 -29.77
C TYR B 470 -12.89 -3.68 -30.91
N PRO B 471 -12.87 -3.99 -32.23
CA PRO B 471 -12.15 -3.11 -33.17
C PRO B 471 -12.76 -1.71 -33.28
N GLU B 472 -14.07 -1.58 -33.05
CA GLU B 472 -14.81 -0.30 -33.04
C GLU B 472 -14.74 0.39 -31.67
N VAL B 473 -14.62 -0.37 -30.59
CA VAL B 473 -14.70 0.14 -29.19
C VAL B 473 -13.42 -0.16 -28.42
N ASN B 474 -12.50 0.79 -28.31
CA ASN B 474 -11.26 0.61 -27.52
C ASN B 474 -10.72 1.96 -27.04
N VAL B 475 -9.92 1.93 -25.99
CA VAL B 475 -9.31 3.12 -25.34
C VAL B 475 -8.45 3.88 -26.35
N ALA B 476 -7.62 3.22 -27.12
CA ALA B 476 -6.73 3.86 -28.10
C ALA B 476 -7.53 4.71 -29.09
N ALA B 477 -8.67 4.24 -29.56
CA ALA B 477 -9.51 4.96 -30.53
C ALA B 477 -10.24 6.13 -29.88
N GLN B 478 -10.39 6.16 -28.55
CA GLN B 478 -11.11 7.26 -27.91
C GLN B 478 -10.23 8.26 -27.19
N GLU B 479 -8.99 7.92 -26.88
CA GLU B 479 -8.06 8.79 -26.12
C GLU B 479 -7.96 10.19 -26.71
N TRP B 480 -7.83 10.28 -28.02
CA TRP B 480 -7.51 11.56 -28.65
C TRP B 480 -8.66 12.13 -29.44
N ASP B 481 -9.83 11.53 -29.32
CA ASP B 481 -11.03 11.98 -30.00
C ASP B 481 -11.81 12.80 -29.00
N ALA B 482 -11.81 14.12 -29.20
CA ALA B 482 -12.50 15.00 -28.27
C ALA B 482 -13.99 14.66 -28.17
N ASP B 483 -14.56 14.07 -29.21
CA ASP B 483 -15.98 13.71 -29.25
C ASP B 483 -16.28 12.34 -28.63
N SER B 484 -15.26 11.63 -28.14
CA SER B 484 -15.46 10.26 -27.67
C SER B 484 -16.19 10.22 -26.32
N GLY B 485 -16.81 9.05 -26.04
CA GLY B 485 -17.43 8.86 -24.74
C GLY B 485 -16.44 9.01 -23.60
N LEU B 486 -15.21 8.54 -23.79
CA LEU B 486 -14.17 8.66 -22.77
C LEU B 486 -13.90 10.12 -22.42
N ASN B 487 -13.68 10.94 -23.45
CA ASN B 487 -13.38 12.34 -23.18
C ASN B 487 -14.60 13.08 -22.70
N PHE B 488 -15.79 12.59 -23.02
CA PHE B 488 -17.03 13.17 -22.47
C PHE B 488 -17.06 12.88 -20.97
N TRP B 489 -16.76 11.66 -20.54
CA TRP B 489 -16.74 11.32 -19.11
C TRP B 489 -15.72 12.19 -18.38
N ARG B 490 -14.53 12.34 -18.93
CA ARG B 490 -13.47 13.15 -18.32
C ARG B 490 -13.99 14.58 -18.13
N HIS B 491 -14.68 15.10 -19.11
CA HIS B 491 -15.19 16.45 -19.06
C HIS B 491 -16.31 16.60 -18.03
N ILE B 492 -17.27 15.67 -18.03
CA ILE B 492 -18.46 15.77 -17.15
C ILE B 492 -18.02 15.60 -15.69
N LEU B 493 -16.94 14.87 -15.43
CA LEU B 493 -16.43 14.69 -14.05
C LEU B 493 -15.81 16.00 -13.58
N LYS B 494 -15.19 16.75 -14.50
CA LYS B 494 -14.62 18.08 -14.22
C LYS B 494 -15.78 19.01 -13.85
N PHE B 495 -16.88 18.92 -14.59
CA PHE B 495 -18.08 19.76 -14.40
C PHE B 495 -18.71 19.40 -13.05
N ARG B 496 -18.80 18.12 -12.72
CA ARG B 496 -19.35 17.61 -11.44
C ARG B 496 -18.57 18.22 -10.28
N ARG B 497 -17.25 18.10 -10.32
CA ARG B 497 -16.28 18.61 -9.32
C ARG B 497 -16.44 20.13 -9.14
N GLN B 498 -16.54 20.89 -10.21
CA GLN B 498 -16.65 22.37 -10.15
C GLN B 498 -18.01 22.80 -9.62
N HIS B 499 -19.04 21.99 -9.81
CA HIS B 499 -20.42 22.29 -9.37
C HIS B 499 -20.89 21.25 -8.34
N LYS B 500 -20.01 20.84 -7.45
CA LYS B 500 -20.31 19.76 -6.48
C LYS B 500 -21.41 20.18 -5.51
N ASP B 501 -21.62 21.47 -5.25
CA ASP B 501 -22.69 21.91 -4.31
C ASP B 501 -24.04 21.48 -4.88
N VAL B 502 -24.20 21.51 -6.18
CA VAL B 502 -25.44 21.11 -6.89
C VAL B 502 -25.42 19.62 -7.27
N MET B 503 -24.31 19.13 -7.81
CA MET B 503 -24.20 17.77 -8.38
C MET B 503 -23.94 16.69 -7.33
N VAL B 504 -23.03 16.89 -6.41
CA VAL B 504 -22.65 15.88 -5.39
C VAL B 504 -23.50 16.00 -4.14
N TYR B 505 -23.68 17.20 -3.64
CA TYR B 505 -24.35 17.45 -2.35
C TYR B 505 -25.76 17.97 -2.50
N GLY B 506 -26.32 18.18 -3.73
CA GLY B 506 -27.62 18.80 -3.98
C GLY B 506 -28.83 17.94 -3.69
N THR B 507 -30.02 18.50 -3.43
CA THR B 507 -31.28 17.79 -3.19
C THR B 507 -31.94 17.61 -4.54
N LEU B 508 -32.65 16.51 -4.74
CA LEU B 508 -33.31 16.19 -6.02
C LEU B 508 -34.83 16.27 -5.84
N GLU B 509 -35.56 16.85 -6.79
CA GLU B 509 -37.04 16.87 -6.79
C GLU B 509 -37.44 16.42 -8.19
N VAL B 510 -38.51 15.65 -8.31
CA VAL B 510 -38.95 15.13 -9.63
C VAL B 510 -39.98 16.10 -10.17
N LEU B 511 -39.89 16.51 -11.43
CA LEU B 511 -40.89 17.39 -12.07
C LEU B 511 -41.58 16.59 -13.17
N ASP B 512 -42.80 16.98 -13.54
CA ASP B 512 -43.53 16.37 -14.68
C ASP B 512 -43.50 14.84 -14.56
N LYS B 513 -43.78 14.30 -13.39
CA LYS B 513 -43.60 12.86 -13.06
C LYS B 513 -44.25 11.91 -14.05
N GLU B 514 -45.42 12.23 -14.58
CA GLU B 514 -46.20 11.32 -15.46
C GLU B 514 -45.57 11.20 -16.84
N ASN B 515 -44.71 12.14 -17.26
CA ASN B 515 -44.07 12.13 -18.60
C ASN B 515 -43.42 10.77 -18.83
N THR B 516 -43.93 9.94 -19.73
CA THR B 516 -43.36 8.62 -19.93
C THR B 516 -42.16 8.62 -20.87
N LYS B 517 -41.84 9.73 -21.51
CA LYS B 517 -40.70 9.78 -22.47
C LYS B 517 -39.49 10.56 -21.94
N VAL B 518 -39.70 11.56 -21.10
CA VAL B 518 -38.63 12.47 -20.61
C VAL B 518 -38.61 12.48 -19.09
N PHE B 519 -37.45 12.34 -18.46
CA PHE B 519 -37.31 12.42 -16.99
C PHE B 519 -36.75 13.81 -16.69
N THR B 520 -37.47 14.65 -15.98
CA THR B 520 -37.01 15.99 -15.57
C THR B 520 -36.86 15.98 -14.06
N PHE B 521 -35.76 16.48 -13.52
CA PHE B 521 -35.54 16.60 -12.07
C PHE B 521 -34.69 17.84 -11.84
N THR B 522 -34.75 18.41 -10.65
CA THR B 522 -33.91 19.56 -10.30
C THR B 522 -32.90 19.15 -9.25
N LYS B 523 -31.70 19.70 -9.27
CA LYS B 523 -30.65 19.50 -8.25
C LYS B 523 -30.48 20.87 -7.59
N ALA B 524 -30.74 21.02 -6.30
CA ALA B 524 -30.67 22.32 -5.63
C ALA B 524 -29.55 22.34 -4.59
N SER B 525 -28.74 23.40 -4.55
CA SER B 525 -27.62 23.59 -3.61
C SER B 525 -28.11 24.36 -2.40
N GLU B 526 -27.34 24.38 -1.31
CA GLU B 526 -27.69 25.14 -0.07
C GLU B 526 -27.63 26.63 -0.33
N SER B 527 -26.78 27.06 -1.27
CA SER B 527 -26.60 28.43 -1.76
C SER B 527 -27.85 28.93 -2.48
N GLY B 528 -28.66 28.03 -3.04
CA GLY B 528 -29.87 28.37 -3.81
C GLY B 528 -29.69 28.04 -5.27
N ARG B 529 -28.45 27.81 -5.73
CA ARG B 529 -28.17 27.52 -7.15
C ARG B 529 -28.82 26.18 -7.53
N THR B 530 -29.67 26.11 -8.55
CA THR B 530 -30.39 24.92 -8.92
C THR B 530 -30.25 24.67 -10.41
N PHE B 531 -30.13 23.39 -10.75
CA PHE B 531 -29.96 22.94 -12.12
C PHE B 531 -31.20 22.13 -12.48
N LEU B 532 -31.70 22.26 -13.69
CA LEU B 532 -32.79 21.40 -14.17
C LEU B 532 -32.14 20.40 -15.12
N VAL B 533 -32.44 19.12 -15.01
CA VAL B 533 -31.86 18.09 -15.87
C VAL B 533 -33.02 17.44 -16.60
N ALA B 534 -32.97 17.34 -17.92
CA ALA B 534 -34.01 16.69 -18.72
C ALA B 534 -33.32 15.59 -19.52
N LEU B 535 -33.81 14.36 -19.48
CA LEU B 535 -33.22 13.26 -20.23
C LEU B 535 -34.28 12.64 -21.12
N ASN B 536 -34.10 12.61 -22.43
CA ASN B 536 -35.05 11.95 -23.34
C ASN B 536 -34.58 10.50 -23.45
N PHE B 537 -35.29 9.54 -22.85
CA PHE B 537 -34.93 8.10 -22.86
C PHE B 537 -35.38 7.37 -24.14
N THR B 538 -36.21 7.99 -24.98
CA THR B 538 -36.75 7.37 -26.22
C THR B 538 -35.83 7.56 -27.42
N ASP B 539 -36.15 6.91 -28.53
CA ASP B 539 -35.41 6.91 -29.82
C ASP B 539 -35.87 7.98 -30.82
N LYS B 540 -36.83 8.83 -30.46
CA LYS B 540 -37.34 9.89 -31.38
C LYS B 540 -37.32 11.26 -30.68
N ALA B 541 -37.20 12.35 -31.45
CA ALA B 541 -37.26 13.71 -30.91
C ALA B 541 -38.63 13.94 -30.29
N VAL B 542 -38.65 14.65 -29.17
CA VAL B 542 -39.91 14.97 -28.51
C VAL B 542 -39.90 16.44 -28.17
N ASP B 543 -41.04 17.12 -28.34
CA ASP B 543 -41.20 18.53 -27.97
C ASP B 543 -41.00 18.59 -26.46
N TYR B 544 -40.33 19.63 -25.97
CA TYR B 544 -40.00 19.81 -24.54
C TYR B 544 -39.85 21.30 -24.28
N ASP B 545 -40.72 21.91 -23.49
CA ASP B 545 -40.58 23.36 -23.23
C ASP B 545 -40.02 23.53 -21.82
N VAL B 546 -38.78 24.00 -21.66
CA VAL B 546 -38.14 24.18 -20.33
C VAL B 546 -38.78 25.35 -19.59
N ASP B 547 -39.39 26.31 -20.30
CA ASP B 547 -40.11 27.49 -19.76
C ASP B 547 -41.29 27.10 -18.89
N GLN B 548 -41.89 25.93 -19.10
CA GLN B 548 -42.98 25.38 -18.26
C GLN B 548 -42.48 25.09 -16.86
N PHE B 549 -41.21 24.72 -16.70
CA PHE B 549 -40.60 24.33 -15.41
C PHE B 549 -39.75 25.44 -14.78
N ALA B 550 -39.34 26.45 -15.54
CA ALA B 550 -38.49 27.53 -14.98
C ALA B 550 -38.81 28.87 -15.65
N SER B 551 -39.00 29.94 -14.87
CA SER B 551 -39.34 31.28 -15.40
C SER B 551 -38.22 31.78 -16.29
N LYS B 552 -36.96 31.50 -15.93
CA LYS B 552 -35.76 31.91 -16.70
C LYS B 552 -34.73 30.79 -16.61
N SER B 553 -34.11 30.40 -17.72
CA SER B 553 -33.16 29.26 -17.74
C SER B 553 -32.06 29.49 -18.76
N THR B 554 -30.90 28.90 -18.54
CA THR B 554 -29.72 29.00 -19.43
C THR B 554 -29.15 27.60 -19.66
N LEU B 555 -28.98 27.16 -20.91
CA LEU B 555 -28.43 25.83 -21.23
C LEU B 555 -26.96 25.78 -20.82
N LEU B 556 -26.54 24.86 -19.98
CA LEU B 556 -25.13 24.66 -19.68
C LEU B 556 -24.49 23.57 -20.54
N LEU B 557 -25.05 22.39 -20.64
CA LEU B 557 -24.44 21.37 -21.52
C LEU B 557 -25.51 20.39 -21.98
N SER B 558 -25.30 19.82 -23.15
CA SER B 558 -26.20 18.81 -23.75
C SER B 558 -25.29 17.68 -24.17
N SER B 559 -25.73 16.44 -24.04
CA SER B 559 -24.94 15.23 -24.38
C SER B 559 -24.71 15.13 -25.88
N ILE B 560 -25.54 15.75 -26.72
CA ILE B 560 -25.36 15.77 -28.19
C ILE B 560 -24.55 17.00 -28.64
N GLY B 561 -24.08 17.87 -27.75
CA GLY B 561 -23.31 19.07 -28.12
C GLY B 561 -24.22 20.28 -28.06
N ASN B 562 -23.81 21.36 -27.42
CA ASN B 562 -24.68 22.55 -27.24
C ASN B 562 -25.13 23.10 -28.59
N VAL B 563 -24.31 23.01 -29.63
CA VAL B 563 -24.70 23.63 -30.90
C VAL B 563 -25.76 22.80 -31.63
N HIS B 564 -25.98 21.54 -31.24
CA HIS B 564 -26.99 20.70 -31.86
C HIS B 564 -28.29 20.68 -31.09
N HIS B 565 -28.34 21.30 -29.93
CA HIS B 565 -29.58 21.39 -29.13
C HIS B 565 -30.59 22.26 -29.89
N LYS B 566 -31.81 21.81 -30.08
CA LYS B 566 -32.83 22.64 -30.75
C LYS B 566 -33.78 23.14 -29.66
N SER B 567 -33.98 24.44 -29.51
CA SER B 567 -34.92 24.99 -28.54
C SER B 567 -36.30 24.37 -28.75
N GLY B 568 -37.00 24.03 -27.68
CA GLY B 568 -38.34 23.46 -27.75
C GLY B 568 -38.36 21.96 -27.97
N SER B 569 -37.23 21.29 -28.02
CA SER B 569 -37.22 19.82 -28.23
C SER B 569 -35.98 19.17 -27.65
N LEU B 570 -36.04 17.85 -27.54
CA LEU B 570 -34.93 16.98 -27.12
C LEU B 570 -34.75 15.94 -28.22
N GLN B 571 -33.53 15.70 -28.69
CA GLN B 571 -33.22 14.71 -29.74
C GLN B 571 -33.15 13.31 -29.10
N PRO B 572 -33.16 12.20 -29.87
CA PRO B 572 -33.10 10.88 -29.26
C PRO B 572 -31.90 10.72 -28.32
N LEU B 573 -32.10 10.25 -27.08
CA LEU B 573 -31.06 10.04 -26.06
C LEU B 573 -30.26 11.33 -25.83
N GLU B 574 -30.95 12.45 -25.73
CA GLU B 574 -30.33 13.76 -25.46
C GLU B 574 -30.55 14.09 -23.98
N ALA B 575 -29.50 14.23 -23.20
CA ALA B 575 -29.55 14.67 -21.80
C ALA B 575 -29.09 16.13 -21.77
N VAL B 576 -29.79 17.01 -21.06
CA VAL B 576 -29.39 18.43 -21.00
C VAL B 576 -29.39 18.90 -19.54
N ILE B 577 -28.53 19.87 -19.23
CA ILE B 577 -28.41 20.48 -17.89
C ILE B 577 -28.61 22.00 -18.08
N PHE B 578 -29.66 22.59 -17.52
CA PHE B 578 -29.92 24.03 -17.50
C PHE B 578 -29.66 24.58 -16.11
N GLU B 579 -29.34 25.86 -16.04
CA GLU B 579 -29.29 26.59 -14.77
C GLU B 579 -30.62 27.35 -14.66
N ILE B 580 -31.39 27.19 -13.59
CA ILE B 580 -32.68 27.90 -13.37
C ILE B 580 -32.34 29.16 -12.56
N HIS B 581 -32.70 30.36 -13.02
CA HIS B 581 -32.36 31.62 -12.33
C HIS B 581 -33.50 32.08 -11.44
#